data_4JQO
#
_entry.id   4JQO
#
_cell.length_a   81.418
_cell.length_b   82.597
_cell.length_c   171.968
_cell.angle_alpha   90.000
_cell.angle_beta   90.000
_cell.angle_gamma   90.000
#
_symmetry.space_group_name_H-M   'P 21 21 21'
#
loop_
_entity.id
_entity.type
_entity.pdbx_description
1 polymer 'Ornithine carbamoyltransferase'
2 non-polymer 'PHOSPHATE ION'
3 non-polymer CITRULLINE
4 non-polymer 'CHLORIDE ION'
5 non-polymer DI(HYDROXYETHYL)ETHER
6 water water
#
_entity_poly.entity_id   1
_entity_poly.type   'polypeptide(L)'
_entity_poly.pdbx_seq_one_letter_code
;MHHHHHHSSGVDLGTENLYFQSNAMAFNLRNRNFLKLLDFSTKEIQFLIDLSADLKKAKYAGTEQKKLLGKNIALIFEKA
STRTRCAFEVAAFDQGAQVTYIGPSGSQIGDKESMKDTARVLGRMYDGIQYRGFGQAIVEELGAFAGVPVWNGLTDEFHP
TQILADFLTMLEHSQGKALADIQFAYLGDARNNVGNSLMVGAAKMGMDIRLVGPQAYWPDEELVAACQAIAKQTGGKITL
TENVAEGVQGCDFLYTDVWVSMGESPEAWDERVALMKPYQVNMNVLKQTGNPNVKFMHCLPAFHNDETTIGKQVADKFGM
KGLEVTEEVFESEHSIVFDEAENRMHTIKAVMVATLGS
;
_entity_poly.pdbx_strand_id   A,B,C
#
loop_
_chem_comp.id
_chem_comp.type
_chem_comp.name
_chem_comp.formula
CL non-polymer 'CHLORIDE ION' 'Cl -1'
PEG non-polymer DI(HYDROXYETHYL)ETHER 'C4 H10 O3'
PO4 non-polymer 'PHOSPHATE ION' 'O4 P -3'
#
# COMPACT_ATOMS: atom_id res chain seq x y z
N GLN A 21 -23.71 33.40 2.96
CA GLN A 21 -22.37 33.80 3.48
C GLN A 21 -21.46 32.58 3.54
N SER A 22 -21.76 31.65 4.45
CA SER A 22 -21.07 30.38 4.47
C SER A 22 -21.46 29.62 3.15
N ASN A 23 -22.66 29.86 2.63
CA ASN A 23 -23.07 29.34 1.32
C ASN A 23 -22.20 29.95 0.20
N ALA A 24 -21.88 31.24 0.30
CA ALA A 24 -20.99 31.85 -0.71
C ALA A 24 -19.63 31.15 -0.77
N MET A 25 -19.07 30.92 0.41
CA MET A 25 -17.76 30.39 0.57
C MET A 25 -17.73 28.98 0.02
N ALA A 26 -18.74 28.18 0.38
CA ALA A 26 -18.87 26.82 -0.12
C ALA A 26 -18.94 26.81 -1.63
N PHE A 27 -19.72 27.71 -2.21
CA PHE A 27 -19.79 27.76 -3.65
C PHE A 27 -18.40 28.08 -4.28
N ASN A 28 -17.71 29.06 -3.73
CA ASN A 28 -16.41 29.46 -4.29
C ASN A 28 -15.28 28.43 -4.18
N LEU A 29 -15.44 27.45 -3.28
CA LEU A 29 -14.36 26.48 -3.03
C LEU A 29 -14.43 25.26 -3.93
N ARG A 30 -15.56 25.09 -4.61
CA ARG A 30 -15.77 23.91 -5.41
C ARG A 30 -14.76 23.79 -6.56
N ASN A 31 -14.19 22.60 -6.73
CA ASN A 31 -13.18 22.36 -7.76
C ASN A 31 -11.86 23.12 -7.64
N ARG A 32 -11.56 23.75 -6.51
CA ARG A 32 -10.24 24.39 -6.30
C ARG A 32 -9.21 23.35 -5.87
N ASN A 33 -7.93 23.64 -6.13
CA ASN A 33 -6.85 22.94 -5.44
C ASN A 33 -6.68 23.43 -4.01
N PHE A 34 -5.90 22.73 -3.16
CA PHE A 34 -5.49 23.26 -1.87
C PHE A 34 -3.96 23.17 -1.73
N LEU A 35 -3.26 24.12 -2.36
CA LEU A 35 -1.82 23.99 -2.53
C LEU A 35 -1.02 24.74 -1.43
N LYS A 36 -1.59 25.83 -0.90
CA LYS A 36 -0.95 26.60 0.09
C LYS A 36 -2.01 27.60 0.60
N LEU A 37 -1.83 28.12 1.79
CA LEU A 37 -2.82 29.09 2.40
C LEU A 37 -2.81 30.45 1.71
N LEU A 38 -1.67 30.81 1.08
CA LEU A 38 -1.67 32.05 0.28
C LEU A 38 -2.69 32.00 -0.88
N ASP A 39 -3.30 30.85 -1.18
CA ASP A 39 -4.23 30.75 -2.31
C ASP A 39 -5.67 30.94 -1.85
N PHE A 40 -5.86 31.29 -0.59
CA PHE A 40 -7.20 31.42 -0.01
C PHE A 40 -7.46 32.76 0.73
N SER A 41 -8.66 33.25 0.67
CA SER A 41 -9.08 34.37 1.52
C SER A 41 -9.28 34.02 3.01
N THR A 42 -9.26 35.07 3.86
CA THR A 42 -9.51 34.91 5.32
C THR A 42 -10.83 34.14 5.55
N LYS A 43 -11.85 34.51 4.78
CA LYS A 43 -13.19 33.94 4.97
C LYS A 43 -13.25 32.52 4.44
N GLU A 44 -12.49 32.24 3.38
CA GLU A 44 -12.42 30.88 2.93
C GLU A 44 -11.78 29.98 4.01
N ILE A 45 -10.72 30.48 4.63
CA ILE A 45 -10.04 29.72 5.66
C ILE A 45 -10.94 29.50 6.87
N GLN A 46 -11.63 30.55 7.32
CA GLN A 46 -12.58 30.42 8.40
C GLN A 46 -13.69 29.40 8.07
N PHE A 47 -14.19 29.43 6.85
CA PHE A 47 -15.18 28.47 6.43
C PHE A 47 -14.66 27.03 6.50
N LEU A 48 -13.45 26.79 6.04
CA LEU A 48 -12.86 25.50 6.15
C LEU A 48 -12.76 24.99 7.62
N ILE A 49 -12.43 25.92 8.52
CA ILE A 49 -12.31 25.57 9.94
C ILE A 49 -13.72 25.22 10.49
N ASP A 50 -14.73 26.00 10.09
CA ASP A 50 -16.08 25.80 10.57
C ASP A 50 -16.65 24.51 10.01
N LEU A 51 -16.41 24.24 8.74
CA LEU A 51 -16.81 22.96 8.15
C LEU A 51 -16.12 21.73 8.88
N SER A 52 -14.85 21.84 9.17
CA SER A 52 -14.13 20.85 9.98
C SER A 52 -14.87 20.52 11.30
N ALA A 53 -15.28 21.60 12.03
CA ALA A 53 -15.97 21.44 13.27
C ALA A 53 -17.33 20.73 13.07
N ASP A 54 -18.09 21.15 12.06
CA ASP A 54 -19.33 20.44 11.72
C ASP A 54 -19.13 18.99 11.34
N LEU A 55 -18.09 18.68 10.55
CA LEU A 55 -17.84 17.29 10.19
C LEU A 55 -17.38 16.43 11.41
N LYS A 56 -16.68 17.03 12.36
CA LYS A 56 -16.23 16.32 13.51
C LYS A 56 -17.44 15.92 14.36
N LYS A 57 -18.34 16.86 14.56
CA LYS A 57 -19.56 16.61 15.34
C LYS A 57 -20.40 15.54 14.69
N ALA A 58 -20.60 15.63 13.37
CA ALA A 58 -21.42 14.64 12.66
C ALA A 58 -20.83 13.25 12.79
N LYS A 59 -19.52 13.14 12.65
CA LYS A 59 -18.89 11.81 12.86
C LYS A 59 -19.15 11.29 14.30
N TYR A 60 -18.98 12.14 15.33
CA TYR A 60 -19.19 11.67 16.66
C TYR A 60 -20.72 11.39 16.92
N ALA A 61 -21.62 12.04 16.20
CA ALA A 61 -23.02 11.86 16.47
C ALA A 61 -23.60 10.74 15.59
N GLY A 62 -22.83 10.23 14.65
CA GLY A 62 -23.29 9.22 13.75
C GLY A 62 -24.21 9.74 12.67
N THR A 63 -24.11 11.01 12.30
CA THR A 63 -25.02 11.61 11.33
C THR A 63 -24.33 12.11 10.11
N GLU A 64 -23.14 11.59 9.86
CA GLU A 64 -22.23 12.08 8.81
C GLU A 64 -22.79 11.77 7.41
N GLN A 65 -22.87 12.76 6.52
CA GLN A 65 -23.31 12.49 5.16
C GLN A 65 -22.15 12.25 4.25
N LYS A 66 -22.25 11.27 3.38
CA LYS A 66 -21.16 10.89 2.53
C LYS A 66 -21.09 11.67 1.21
N LYS A 67 -20.34 12.73 1.22
CA LYS A 67 -20.38 13.59 0.05
C LYS A 67 -19.38 13.23 -0.98
N LEU A 68 -18.56 12.21 -0.73
CA LEU A 68 -17.60 11.77 -1.71
C LEU A 68 -17.91 10.37 -2.21
N LEU A 69 -19.16 9.97 -2.11
CA LEU A 69 -19.54 8.65 -2.52
C LEU A 69 -19.23 8.40 -3.99
N GLY A 70 -18.62 7.25 -4.30
CA GLY A 70 -18.33 6.90 -5.69
C GLY A 70 -17.08 7.70 -6.17
N LYS A 71 -16.46 8.50 -5.33
CA LYS A 71 -15.21 9.21 -5.80
C LYS A 71 -13.98 8.35 -5.50
N ASN A 72 -12.97 8.47 -6.36
CA ASN A 72 -11.71 7.73 -6.23
C ASN A 72 -10.57 8.74 -6.12
N ILE A 73 -9.69 8.54 -5.14
CA ILE A 73 -8.68 9.53 -4.83
C ILE A 73 -7.32 8.88 -4.78
N ALA A 74 -6.32 9.54 -5.37
CA ALA A 74 -4.97 9.04 -5.38
C ALA A 74 -4.12 9.81 -4.35
N LEU A 75 -3.32 9.09 -3.59
CA LEU A 75 -2.50 9.69 -2.56
C LEU A 75 -1.05 9.43 -2.87
N ILE A 76 -0.35 10.46 -3.36
CA ILE A 76 1.07 10.28 -3.78
C ILE A 76 1.93 10.75 -2.62
N PHE A 77 2.84 9.90 -2.14
CA PHE A 77 3.75 10.19 -1.07
C PHE A 77 5.16 9.97 -1.50
N GLU A 78 5.92 11.05 -1.72
CA GLU A 78 7.31 10.92 -2.01
C GLU A 78 8.15 10.99 -0.75
N LYS A 79 7.57 11.37 0.40
CA LYS A 79 8.25 11.29 1.70
C LYS A 79 7.36 10.39 2.60
N ALA A 80 7.90 9.98 3.72
CA ALA A 80 7.23 9.15 4.71
C ALA A 80 6.12 9.99 5.41
N SER A 81 5.12 9.27 5.91
CA SER A 81 4.03 9.84 6.63
C SER A 81 3.28 8.79 7.48
N THR A 82 2.84 9.21 8.65
CA THR A 82 1.90 8.43 9.43
C THR A 82 0.60 9.17 9.48
N ARG A 83 0.62 10.33 10.16
CA ARG A 83 -0.60 11.12 10.42
C ARG A 83 -1.29 11.53 9.14
N THR A 84 -0.54 12.14 8.21
CA THR A 84 -1.14 12.77 7.02
C THR A 84 -1.79 11.74 6.15
N ARG A 85 -1.04 10.67 5.89
CA ARG A 85 -1.54 9.63 5.07
C ARG A 85 -2.82 8.98 5.69
N CYS A 86 -2.78 8.69 6.98
CA CYS A 86 -3.95 8.08 7.66
C CYS A 86 -5.15 9.02 7.70
N ALA A 87 -4.89 10.33 7.86
CA ALA A 87 -5.94 11.30 7.94
C ALA A 87 -6.64 11.36 6.58
N PHE A 88 -5.87 11.34 5.51
CA PHE A 88 -6.47 11.31 4.20
C PHE A 88 -7.28 10.01 3.98
N GLU A 89 -6.73 8.87 4.38
CA GLU A 89 -7.42 7.63 4.15
C GLU A 89 -8.73 7.54 4.91
N VAL A 90 -8.69 7.88 6.19
CA VAL A 90 -9.85 7.82 7.05
C VAL A 90 -10.93 8.80 6.67
N ALA A 91 -10.52 10.02 6.32
CA ALA A 91 -11.47 11.00 5.91
C ALA A 91 -12.20 10.55 4.64
N ALA A 92 -11.49 9.93 3.72
CA ALA A 92 -12.06 9.48 2.44
C ALA A 92 -13.02 8.36 2.71
N PHE A 93 -12.59 7.40 3.50
CA PHE A 93 -13.46 6.26 3.86
C PHE A 93 -14.78 6.70 4.52
N ASP A 94 -14.71 7.57 5.51
CA ASP A 94 -15.87 8.08 6.20
C ASP A 94 -16.82 8.81 5.22
N GLN A 95 -16.25 9.48 4.22
CA GLN A 95 -17.02 10.19 3.24
C GLN A 95 -17.45 9.35 1.99
N GLY A 96 -17.16 8.06 2.00
CA GLY A 96 -17.66 7.13 0.97
C GLY A 96 -16.75 7.01 -0.23
N ALA A 97 -15.55 7.61 -0.18
CA ALA A 97 -14.61 7.49 -1.28
C ALA A 97 -13.71 6.25 -1.14
N GLN A 98 -13.03 5.84 -2.22
CA GLN A 98 -11.98 4.85 -2.17
C GLN A 98 -10.63 5.55 -2.54
N VAL A 99 -9.52 4.96 -2.09
CA VAL A 99 -8.19 5.55 -2.24
C VAL A 99 -7.18 4.54 -2.74
N THR A 100 -6.18 5.07 -3.44
CA THR A 100 -5.02 4.35 -3.88
C THR A 100 -3.82 5.08 -3.29
N TYR A 101 -3.05 4.37 -2.47
CA TYR A 101 -1.84 4.90 -1.91
C TYR A 101 -0.62 4.58 -2.77
N ILE A 102 0.13 5.61 -3.19
CA ILE A 102 1.31 5.43 -4.01
C ILE A 102 2.52 6.00 -3.24
N GLY A 103 3.29 5.10 -2.66
CA GLY A 103 4.32 5.43 -1.74
C GLY A 103 5.62 5.78 -2.46
N PRO A 104 6.69 5.98 -1.72
CA PRO A 104 7.95 6.49 -2.32
C PRO A 104 8.57 5.48 -3.29
N SER A 105 8.26 4.18 -3.24
CA SER A 105 8.77 3.29 -4.31
C SER A 105 7.65 2.52 -4.96
N GLY A 106 7.91 1.84 -6.07
CA GLY A 106 6.89 0.98 -6.74
C GLY A 106 6.07 1.69 -7.84
N SER A 107 6.17 3.02 -7.96
CA SER A 107 5.48 3.79 -9.03
C SER A 107 6.52 4.27 -10.08
N GLN A 108 6.05 4.80 -11.18
CA GLN A 108 6.96 5.36 -12.20
C GLN A 108 7.40 6.78 -11.92
N ILE A 109 6.84 7.41 -10.86
CA ILE A 109 6.93 8.88 -10.69
C ILE A 109 8.36 9.34 -10.48
N GLY A 110 8.76 10.41 -11.16
CA GLY A 110 10.11 11.03 -10.99
C GLY A 110 11.26 10.41 -11.75
N ASP A 111 11.45 9.11 -11.61
CA ASP A 111 12.59 8.48 -12.31
C ASP A 111 12.28 8.09 -13.72
N LYS A 112 11.05 7.66 -13.98
CA LYS A 112 10.65 7.25 -15.31
C LYS A 112 9.55 8.10 -15.99
N GLU A 113 8.93 9.00 -15.26
CA GLU A 113 7.77 9.71 -15.78
C GLU A 113 7.68 11.08 -15.13
N SER A 114 7.57 12.13 -15.97
CA SER A 114 7.50 13.54 -15.46
C SER A 114 6.26 13.74 -14.68
N MET A 115 6.32 14.74 -13.80
CA MET A 115 5.15 15.13 -13.08
C MET A 115 4.05 15.63 -14.00
N LYS A 116 4.39 16.34 -15.06
CA LYS A 116 3.36 16.75 -15.98
C LYS A 116 2.55 15.57 -16.57
N ASP A 117 3.26 14.52 -16.91
CA ASP A 117 2.65 13.38 -17.53
C ASP A 117 1.86 12.65 -16.44
N THR A 118 2.45 12.50 -15.28
CA THR A 118 1.77 11.72 -14.20
C THR A 118 0.45 12.43 -13.87
N ALA A 119 0.50 13.74 -13.78
CA ALA A 119 -0.69 14.50 -13.48
C ALA A 119 -1.83 14.26 -14.50
N ARG A 120 -1.50 14.27 -15.77
CA ARG A 120 -2.51 14.12 -16.85
C ARG A 120 -3.04 12.69 -16.85
N VAL A 121 -2.23 11.72 -16.47
CA VAL A 121 -2.73 10.33 -16.44
C VAL A 121 -3.63 10.14 -15.24
N LEU A 122 -3.17 10.52 -14.06
CA LEU A 122 -4.00 10.39 -12.86
C LEU A 122 -5.28 11.19 -12.90
N GLY A 123 -5.18 12.39 -13.42
CA GLY A 123 -6.36 13.20 -13.63
C GLY A 123 -7.43 12.62 -14.52
N ARG A 124 -7.07 11.71 -15.41
CA ARG A 124 -8.05 10.96 -16.17
C ARG A 124 -8.71 9.79 -15.37
N MET A 125 -8.07 9.24 -14.38
CA MET A 125 -8.64 8.08 -13.66
C MET A 125 -9.22 8.46 -12.31
N TYR A 126 -8.60 9.38 -11.58
CA TYR A 126 -9.07 9.77 -10.28
C TYR A 126 -9.87 11.09 -10.25
N ASP A 127 -10.64 11.28 -9.19
CA ASP A 127 -11.45 12.52 -8.99
C ASP A 127 -10.75 13.59 -8.18
N GLY A 128 -9.71 13.21 -7.47
CA GLY A 128 -8.85 14.12 -6.67
C GLY A 128 -7.54 13.48 -6.36
N ILE A 129 -6.53 14.28 -6.08
CA ILE A 129 -5.17 13.82 -5.84
C ILE A 129 -4.51 14.57 -4.69
N GLN A 130 -3.93 13.86 -3.75
CA GLN A 130 -3.04 14.42 -2.74
C GLN A 130 -1.60 14.18 -3.10
N TYR A 131 -0.76 15.15 -2.81
CA TYR A 131 0.70 15.01 -3.01
C TYR A 131 1.45 15.51 -1.75
N ARG A 132 2.40 14.70 -1.30
CA ARG A 132 3.42 15.05 -0.27
C ARG A 132 4.77 14.81 -0.90
N GLY A 133 5.65 15.79 -0.84
CA GLY A 133 6.96 15.61 -1.43
C GLY A 133 7.89 16.76 -1.22
N PHE A 134 8.55 17.17 -2.29
CA PHE A 134 9.69 18.10 -2.23
C PHE A 134 9.33 19.52 -2.56
N GLY A 135 9.87 20.09 -3.64
CA GLY A 135 9.62 21.48 -3.90
C GLY A 135 8.13 21.77 -4.10
N GLN A 136 7.72 22.92 -3.59
CA GLN A 136 6.42 23.48 -3.90
C GLN A 136 6.15 23.60 -5.38
N ALA A 137 7.18 23.91 -6.15
CA ALA A 137 7.06 23.88 -7.61
C ALA A 137 6.50 22.58 -8.19
N ILE A 138 6.79 21.46 -7.56
CA ILE A 138 6.28 20.18 -8.08
C ILE A 138 4.78 20.02 -7.82
N VAL A 139 4.32 20.43 -6.65
CA VAL A 139 2.85 20.36 -6.36
C VAL A 139 2.08 21.40 -7.15
N GLU A 140 2.71 22.51 -7.48
CA GLU A 140 2.07 23.50 -8.34
C GLU A 140 1.89 22.99 -9.78
N GLU A 141 2.91 22.28 -10.29
CA GLU A 141 2.83 21.69 -11.62
C GLU A 141 1.73 20.60 -11.66
N LEU A 142 1.72 19.72 -10.66
CA LEU A 142 0.59 18.79 -10.53
C LEU A 142 -0.77 19.51 -10.48
N GLY A 143 -0.90 20.55 -9.64
CA GLY A 143 -2.12 21.33 -9.54
C GLY A 143 -2.53 22.03 -10.85
N ALA A 144 -1.55 22.43 -11.66
CA ALA A 144 -1.87 22.98 -12.98
C ALA A 144 -2.28 21.97 -14.03
N PHE A 145 -1.70 20.77 -14.01
CA PHE A 145 -1.89 19.83 -15.12
C PHE A 145 -2.89 18.75 -14.87
N ALA A 146 -3.26 18.48 -13.62
CA ALA A 146 -4.17 17.34 -13.40
C ALA A 146 -5.53 17.49 -13.94
N GLY A 147 -6.11 18.66 -13.75
CA GLY A 147 -7.50 18.96 -14.14
C GLY A 147 -8.52 18.47 -13.08
N VAL A 148 -8.07 17.99 -11.92
CA VAL A 148 -8.95 17.67 -10.83
C VAL A 148 -8.35 18.34 -9.59
N PRO A 149 -9.12 18.46 -8.51
CA PRO A 149 -8.54 19.04 -7.30
C PRO A 149 -7.26 18.32 -6.77
N VAL A 150 -6.22 19.12 -6.53
CA VAL A 150 -4.95 18.66 -5.96
C VAL A 150 -4.67 19.30 -4.59
N TRP A 151 -4.34 18.47 -3.58
CA TRP A 151 -4.20 18.91 -2.22
C TRP A 151 -2.78 18.66 -1.74
N ASN A 152 -2.13 19.70 -1.25
CA ASN A 152 -0.79 19.61 -0.70
C ASN A 152 -0.74 19.08 0.70
N GLY A 153 -0.13 17.91 0.82
CA GLY A 153 -0.05 17.13 2.07
C GLY A 153 1.30 17.23 2.74
N LEU A 154 2.10 18.14 2.21
CA LEU A 154 3.37 18.67 2.72
C LEU A 154 4.36 18.86 1.60
N THR A 155 4.95 20.03 1.52
CA THR A 155 6.14 20.28 0.66
C THR A 155 7.30 20.79 1.48
N ASP A 156 8.47 20.97 0.87
CA ASP A 156 9.58 21.67 1.59
C ASP A 156 9.16 23.04 2.13
N GLU A 157 8.33 23.77 1.40
CA GLU A 157 8.02 25.15 1.70
C GLU A 157 6.80 25.37 2.53
N PHE A 158 5.77 24.56 2.40
CA PHE A 158 4.50 24.77 3.06
C PHE A 158 3.77 23.48 3.54
N HIS A 159 2.96 23.60 4.57
CA HIS A 159 2.22 22.43 5.11
C HIS A 159 0.82 22.86 5.55
N PRO A 160 -0.03 23.19 4.56
CA PRO A 160 -1.26 23.93 4.81
C PRO A 160 -2.33 23.16 5.59
N THR A 161 -2.41 21.84 5.40
CA THR A 161 -3.46 21.07 6.15
C THR A 161 -3.13 21.03 7.66
N GLN A 162 -1.84 21.04 7.99
CA GLN A 162 -1.43 21.00 9.40
C GLN A 162 -1.96 22.26 10.13
N ILE A 163 -1.82 23.40 9.48
CA ILE A 163 -2.23 24.66 10.11
C ILE A 163 -3.73 24.77 10.26
N LEU A 164 -4.50 24.24 9.35
CA LEU A 164 -5.95 24.21 9.60
C LEU A 164 -6.27 23.41 10.86
N ALA A 165 -5.63 22.26 11.00
CA ALA A 165 -5.80 21.44 12.19
C ALA A 165 -5.39 22.23 13.44
N ASP A 166 -4.29 23.01 13.33
CA ASP A 166 -3.79 23.72 14.49
C ASP A 166 -4.74 24.85 14.91
N PHE A 167 -5.37 25.53 13.92
CA PHE A 167 -6.26 26.62 14.19
C PHE A 167 -7.57 26.09 14.78
N LEU A 168 -8.06 24.97 14.28
CA LEU A 168 -9.23 24.34 14.91
C LEU A 168 -8.93 23.98 16.36
N THR A 169 -7.75 23.40 16.60
CA THR A 169 -7.41 23.02 17.92
C THR A 169 -7.35 24.22 18.87
N MET A 170 -6.73 25.30 18.43
CA MET A 170 -6.65 26.48 19.22
C MET A 170 -8.02 27.03 19.58
N LEU A 171 -8.91 27.10 18.62
CA LEU A 171 -10.28 27.50 18.90
C LEU A 171 -10.95 26.60 19.91
N GLU A 172 -10.79 25.29 19.78
CA GLU A 172 -11.46 24.40 20.73
C GLU A 172 -10.89 24.58 22.12
N HIS A 173 -9.63 24.98 22.24
CA HIS A 173 -9.00 25.02 23.54
C HIS A 173 -8.94 26.42 24.07
N SER A 174 -9.74 27.33 23.51
CA SER A 174 -9.74 28.70 23.97
C SER A 174 -11.18 28.89 24.38
N GLN A 175 -11.46 29.80 25.27
CA GLN A 175 -12.85 29.84 25.72
C GLN A 175 -13.52 31.02 25.10
N GLY A 176 -14.18 30.83 23.98
CA GLY A 176 -14.84 31.96 23.30
C GLY A 176 -13.93 33.09 22.78
N LYS A 177 -12.67 32.79 22.53
CA LYS A 177 -11.81 33.70 21.76
C LYS A 177 -11.88 33.35 20.29
N ALA A 178 -11.83 34.33 19.39
CA ALA A 178 -11.67 34.07 18.00
C ALA A 178 -10.20 34.00 17.73
N LEU A 179 -9.86 33.54 16.54
CA LEU A 179 -8.47 33.40 16.17
C LEU A 179 -7.77 34.76 16.27
N ALA A 180 -8.44 35.82 15.88
CA ALA A 180 -7.84 37.15 15.92
C ALA A 180 -7.44 37.60 17.34
N ASP A 181 -7.98 36.96 18.38
CA ASP A 181 -7.62 37.34 19.73
C ASP A 181 -6.48 36.53 20.31
N ILE A 182 -5.96 35.57 19.55
CA ILE A 182 -4.96 34.62 20.06
C ILE A 182 -3.52 35.08 19.78
N GLN A 183 -2.66 34.85 20.77
CA GLN A 183 -1.21 35.09 20.68
C GLN A 183 -0.47 33.78 20.86
N PHE A 184 0.48 33.51 19.96
CA PHE A 184 1.28 32.31 19.99
C PHE A 184 2.67 32.44 19.51
N ALA A 185 3.51 31.52 19.96
CA ALA A 185 4.91 31.53 19.50
C ALA A 185 5.27 30.17 18.95
N TYR A 186 6.06 30.20 17.90
CA TYR A 186 6.66 29.03 17.29
C TYR A 186 8.16 29.14 17.51
N LEU A 187 8.73 28.07 18.04
CA LEU A 187 10.14 28.01 18.44
C LEU A 187 10.96 27.05 17.61
N GLY A 188 12.15 27.53 17.20
CA GLY A 188 13.11 26.67 16.50
C GLY A 188 13.44 27.02 15.06
N ASP A 189 13.17 26.07 14.16
CA ASP A 189 13.51 26.20 12.75
C ASP A 189 12.33 26.90 12.11
N ALA A 190 12.37 28.22 12.13
CA ALA A 190 11.22 29.02 11.73
C ALA A 190 11.01 29.08 10.24
N ARG A 191 11.98 28.64 9.47
CA ARG A 191 11.82 28.67 8.03
C ARG A 191 11.49 27.33 7.42
N ASN A 192 11.17 26.34 8.23
CA ASN A 192 10.73 25.11 7.66
C ASN A 192 9.25 25.27 7.17
N ASN A 193 8.73 24.19 6.63
CA ASN A 193 7.32 24.21 6.12
C ASN A 193 6.28 24.62 7.14
N VAL A 194 6.39 24.14 8.35
CA VAL A 194 5.40 24.46 9.34
C VAL A 194 5.47 25.89 9.86
N GLY A 195 6.69 26.38 10.09
CA GLY A 195 6.82 27.81 10.42
C GLY A 195 6.33 28.75 9.34
N ASN A 196 6.69 28.47 8.12
CA ASN A 196 6.17 29.29 7.02
C ASN A 196 4.69 29.36 6.96
N SER A 197 4.04 28.18 7.09
CA SER A 197 2.62 28.09 7.05
C SER A 197 1.91 28.74 8.27
N LEU A 198 2.48 28.61 9.48
CA LEU A 198 1.95 29.28 10.66
C LEU A 198 1.98 30.78 10.50
N MET A 199 3.05 31.29 9.90
CA MET A 199 3.16 32.74 9.70
C MET A 199 2.11 33.24 8.73
N VAL A 200 2.00 32.56 7.59
CA VAL A 200 0.90 32.84 6.62
C VAL A 200 -0.46 32.74 7.23
N GLY A 201 -0.73 31.64 7.94
CA GLY A 201 -2.08 31.48 8.58
C GLY A 201 -2.41 32.58 9.62
N ALA A 202 -1.41 32.91 10.44
CA ALA A 202 -1.56 33.93 11.44
C ALA A 202 -1.87 35.27 10.81
N ALA A 203 -1.17 35.59 9.73
CA ALA A 203 -1.45 36.84 9.04
C ALA A 203 -2.88 36.87 8.45
N LYS A 204 -3.27 35.79 7.84
CA LYS A 204 -4.60 35.71 7.23
C LYS A 204 -5.70 35.85 8.25
N MET A 205 -5.49 35.32 9.47
CA MET A 205 -6.55 35.30 10.45
C MET A 205 -6.44 36.37 11.50
N GLY A 206 -5.49 37.31 11.34
CA GLY A 206 -5.40 38.42 12.25
C GLY A 206 -4.79 38.12 13.61
N MET A 207 -3.98 37.07 13.68
CA MET A 207 -3.42 36.60 14.97
C MET A 207 -2.09 37.33 15.29
N ASP A 208 -1.61 37.18 16.52
CA ASP A 208 -0.29 37.68 16.95
C ASP A 208 0.69 36.52 17.07
N ILE A 209 1.60 36.42 16.08
CA ILE A 209 2.56 35.31 16.05
C ILE A 209 3.96 35.85 16.33
N ARG A 210 4.69 35.14 17.20
CA ARG A 210 6.11 35.36 17.32
C ARG A 210 6.87 34.10 16.81
N LEU A 211 7.80 34.34 15.89
CA LEU A 211 8.73 33.33 15.42
C LEU A 211 10.06 33.54 16.17
N VAL A 212 10.41 32.55 16.98
CA VAL A 212 11.47 32.63 17.96
C VAL A 212 12.52 31.54 17.64
N GLY A 213 13.69 31.96 17.17
CA GLY A 213 14.75 31.07 16.78
C GLY A 213 15.93 31.87 16.24
N PRO A 214 17.00 31.16 15.87
CA PRO A 214 18.21 31.85 15.37
C PRO A 214 17.90 32.54 14.06
N GLN A 215 18.47 33.71 13.92
CA GLN A 215 18.20 34.57 12.81
C GLN A 215 18.50 33.93 11.45
N ALA A 216 19.49 33.09 11.38
CA ALA A 216 19.79 32.40 10.13
C ALA A 216 18.62 31.50 9.71
N TYR A 217 17.75 31.11 10.64
CA TYR A 217 16.63 30.22 10.31
C TYR A 217 15.31 30.92 10.29
N TRP A 218 15.35 32.26 10.33
CA TRP A 218 14.11 33.04 10.13
C TRP A 218 13.59 32.86 8.72
N PRO A 219 12.29 33.03 8.55
CA PRO A 219 11.75 32.79 7.24
C PRO A 219 12.25 33.75 6.21
N ASP A 220 12.19 33.34 4.98
CA ASP A 220 12.62 34.17 3.87
C ASP A 220 12.00 35.59 3.87
N GLU A 221 12.81 36.60 3.49
CA GLU A 221 12.40 38.01 3.62
C GLU A 221 11.25 38.39 2.68
N GLU A 222 11.16 37.80 1.51
CA GLU A 222 10.00 38.00 0.66
C GLU A 222 8.72 37.37 1.20
N LEU A 223 8.83 36.22 1.87
CA LEU A 223 7.60 35.61 2.48
C LEU A 223 7.14 36.49 3.64
N VAL A 224 8.07 36.96 4.48
CA VAL A 224 7.73 37.82 5.60
C VAL A 224 7.09 39.10 5.08
N ALA A 225 7.66 39.68 4.04
CA ALA A 225 7.13 40.93 3.50
C ALA A 225 5.67 40.73 3.01
N ALA A 226 5.40 39.60 2.38
CA ALA A 226 4.02 39.37 1.94
C ALA A 226 3.04 39.18 3.11
N CYS A 227 3.50 38.45 4.12
CA CYS A 227 2.68 38.21 5.32
C CYS A 227 2.44 39.49 6.12
N GLN A 228 3.44 40.40 6.17
CA GLN A 228 3.23 41.68 6.84
C GLN A 228 2.16 42.53 6.13
N ALA A 229 2.20 42.54 4.81
CA ALA A 229 1.17 43.28 4.05
C ALA A 229 -0.24 42.66 4.30
N ILE A 230 -0.32 41.35 4.30
CA ILE A 230 -1.61 40.67 4.62
C ILE A 230 -2.06 41.10 6.03
N ALA A 231 -1.12 41.06 6.98
CA ALA A 231 -1.46 41.32 8.39
C ALA A 231 -1.91 42.73 8.67
N LYS A 232 -1.38 43.68 7.89
CA LYS A 232 -1.81 45.05 8.02
C LYS A 232 -3.31 45.15 7.82
N GLN A 233 -3.84 44.41 6.88
CA GLN A 233 -5.27 44.54 6.62
C GLN A 233 -6.12 43.66 7.56
N THR A 234 -5.53 42.72 8.30
CA THR A 234 -6.36 41.89 9.20
C THR A 234 -6.20 42.25 10.69
N GLY A 235 -5.29 43.17 11.00
CA GLY A 235 -4.92 43.48 12.37
C GLY A 235 -3.98 42.48 13.02
N GLY A 236 -3.33 41.62 12.24
CA GLY A 236 -2.40 40.62 12.76
C GLY A 236 -1.07 41.26 13.08
N LYS A 237 -0.22 40.55 13.81
CA LYS A 237 1.11 41.05 14.17
C LYS A 237 2.09 39.90 13.99
N ILE A 238 3.26 40.20 13.42
CA ILE A 238 4.32 39.23 13.18
C ILE A 238 5.64 39.72 13.79
N THR A 239 6.18 38.97 14.73
CA THR A 239 7.43 39.38 15.35
C THR A 239 8.44 38.28 15.09
N LEU A 240 9.67 38.66 14.71
CA LEU A 240 10.78 37.72 14.60
C LEU A 240 11.82 38.05 15.67
N THR A 241 12.25 37.08 16.44
CA THR A 241 13.22 37.38 17.50
C THR A 241 14.07 36.18 17.80
N GLU A 242 15.28 36.43 18.24
CA GLU A 242 16.10 35.36 18.83
C GLU A 242 15.90 35.20 20.31
N ASN A 243 15.19 36.10 20.98
CA ASN A 243 15.10 36.05 22.37
C ASN A 243 13.81 35.32 22.84
N VAL A 244 13.99 34.24 23.55
CA VAL A 244 12.84 33.42 24.02
C VAL A 244 11.92 34.12 25.00
N ALA A 245 12.51 34.68 26.05
CA ALA A 245 11.73 35.28 27.13
C ALA A 245 10.89 36.34 26.53
N GLU A 246 11.48 37.14 25.66
CA GLU A 246 10.71 38.20 25.01
C GLU A 246 9.63 37.68 24.05
N GLY A 247 9.95 36.65 23.27
CA GLY A 247 9.05 36.14 22.29
C GLY A 247 7.84 35.42 22.84
N VAL A 248 8.00 34.79 24.01
CA VAL A 248 6.89 33.92 24.56
C VAL A 248 6.05 34.59 25.63
N GLN A 249 6.43 35.78 26.06
CA GLN A 249 5.68 36.47 27.14
C GLN A 249 4.24 36.74 26.71
N GLY A 250 3.28 36.26 27.52
CA GLY A 250 1.87 36.41 27.24
C GLY A 250 1.23 35.45 26.25
N CYS A 251 1.96 34.46 25.77
CA CYS A 251 1.41 33.54 24.77
C CYS A 251 0.32 32.56 25.35
N ASP A 252 -0.72 32.34 24.57
CA ASP A 252 -1.75 31.35 24.82
C ASP A 252 -1.24 29.95 24.46
N PHE A 253 -0.44 29.87 23.40
CA PHE A 253 0.10 28.61 22.87
C PHE A 253 1.57 28.75 22.58
N LEU A 254 2.28 27.69 22.87
CA LEU A 254 3.63 27.50 22.36
C LEU A 254 3.70 26.31 21.44
N TYR A 255 4.40 26.44 20.32
CA TYR A 255 4.45 25.44 19.31
C TYR A 255 5.89 25.18 18.91
N THR A 256 6.23 23.92 18.67
CA THR A 256 7.52 23.59 18.08
C THR A 256 7.43 22.39 17.12
N ASP A 257 8.55 22.08 16.51
CA ASP A 257 8.67 21.02 15.52
C ASP A 257 10.13 20.54 15.52
N VAL A 258 10.41 19.39 14.89
CA VAL A 258 11.77 18.90 14.81
C VAL A 258 12.70 19.93 14.16
N TRP A 259 13.95 19.94 14.61
CA TRP A 259 14.90 20.92 14.10
C TRP A 259 15.52 20.64 12.71
N VAL A 260 15.43 19.40 12.24
CA VAL A 260 15.92 19.01 10.90
C VAL A 260 14.74 18.29 10.26
N SER A 261 14.32 18.76 9.10
CA SER A 261 13.09 18.20 8.48
C SER A 261 13.43 17.14 7.40
N MET A 262 12.43 16.36 6.99
CA MET A 262 12.62 15.29 6.01
C MET A 262 13.22 15.85 4.75
N GLY A 263 14.08 15.07 4.14
CA GLY A 263 14.69 15.50 2.93
C GLY A 263 15.95 16.33 3.16
N GLU A 264 16.21 16.86 4.36
CA GLU A 264 17.46 17.55 4.59
C GLU A 264 18.46 16.46 4.90
N SER A 265 19.72 16.75 4.70
CA SER A 265 20.74 15.77 5.03
C SER A 265 20.76 15.41 6.50
N PRO A 266 20.99 14.14 6.82
CA PRO A 266 21.19 13.79 8.24
C PRO A 266 22.44 14.45 8.87
N GLU A 267 23.40 14.86 8.03
CA GLU A 267 24.56 15.63 8.48
C GLU A 267 24.15 16.92 9.21
N ALA A 268 22.99 17.47 8.87
CA ALA A 268 22.60 18.75 9.45
C ALA A 268 22.47 18.70 10.91
N TRP A 269 22.16 17.56 11.51
CA TRP A 269 22.01 17.52 12.98
C TRP A 269 23.26 17.98 13.73
N ASP A 270 24.39 17.63 13.16
CA ASP A 270 25.66 17.73 13.83
C ASP A 270 25.88 19.18 14.19
N GLU A 271 25.61 20.10 13.30
CA GLU A 271 25.85 21.46 13.66
C GLU A 271 24.60 22.26 13.89
N ARG A 272 23.44 21.60 13.88
CA ARG A 272 22.21 22.30 14.18
C ARG A 272 21.72 22.20 15.62
N VAL A 273 22.01 21.10 16.28
CA VAL A 273 21.54 20.93 17.64
C VAL A 273 22.02 22.00 18.62
N ALA A 274 23.30 22.30 18.63
CA ALA A 274 23.82 23.24 19.60
C ALA A 274 23.17 24.60 19.39
N LEU A 275 23.03 24.93 18.13
CA LEU A 275 22.45 26.18 17.70
C LEU A 275 21.00 26.34 18.12
N MET A 276 20.22 25.28 17.92
CA MET A 276 18.81 25.17 18.30
C MET A 276 18.49 24.99 19.78
N LYS A 277 19.37 24.34 20.48
CA LYS A 277 19.16 23.94 21.87
C LYS A 277 18.55 25.07 22.82
N PRO A 278 18.98 26.32 22.70
CA PRO A 278 18.33 27.32 23.53
C PRO A 278 16.82 27.45 23.27
N TYR A 279 16.33 26.96 22.12
CA TYR A 279 14.92 27.09 21.78
C TYR A 279 14.11 25.87 22.11
N GLN A 280 14.69 24.96 22.85
CA GLN A 280 13.92 23.84 23.40
C GLN A 280 12.76 24.30 24.23
N VAL A 281 11.62 23.62 24.05
CA VAL A 281 10.50 23.89 24.88
C VAL A 281 10.62 23.00 26.07
N ASN A 282 10.89 23.59 27.23
CA ASN A 282 10.88 22.95 28.51
C ASN A 282 10.05 23.77 29.47
N MET A 283 10.00 23.34 30.74
CA MET A 283 9.08 23.94 31.72
C MET A 283 9.46 25.39 31.98
N ASN A 284 10.76 25.73 31.95
CA ASN A 284 11.15 27.13 32.10
C ASN A 284 10.52 28.00 31.03
N VAL A 285 10.56 27.56 29.81
CA VAL A 285 9.92 28.31 28.74
C VAL A 285 8.43 28.53 29.04
N LEU A 286 7.72 27.50 29.51
CA LEU A 286 6.31 27.66 29.73
C LEU A 286 6.08 28.73 30.83
N LYS A 287 6.92 28.68 31.86
CA LYS A 287 6.88 29.64 32.93
C LYS A 287 7.18 31.04 32.43
N GLN A 288 8.13 31.18 31.51
CA GLN A 288 8.37 32.52 30.93
C GLN A 288 7.15 33.16 30.21
N THR A 289 6.11 32.38 29.90
CA THR A 289 4.93 32.98 29.33
C THR A 289 4.19 33.83 30.36
N GLY A 290 4.39 33.59 31.65
CA GLY A 290 3.56 34.24 32.71
C GLY A 290 2.09 33.73 32.66
N ASN A 291 1.79 32.73 31.83
CA ASN A 291 0.40 32.33 31.65
C ASN A 291 0.10 30.92 32.21
N PRO A 292 -0.61 30.83 33.33
CA PRO A 292 -0.81 29.50 33.90
C PRO A 292 -1.61 28.56 33.02
N ASN A 293 -2.40 29.10 32.08
CA ASN A 293 -3.21 28.30 31.13
C ASN A 293 -2.57 28.04 29.77
N VAL A 294 -1.27 28.32 29.65
CA VAL A 294 -0.58 28.16 28.42
C VAL A 294 -0.69 26.72 27.95
N LYS A 295 -0.83 26.54 26.64
CA LYS A 295 -0.94 25.19 26.05
C LYS A 295 0.18 24.95 25.09
N PHE A 296 0.62 23.71 25.04
CA PHE A 296 1.73 23.30 24.17
C PHE A 296 1.27 22.49 22.94
N MET A 297 1.76 22.89 21.78
CA MET A 297 1.46 22.18 20.51
C MET A 297 2.71 21.76 19.78
N HIS A 298 2.54 20.80 18.92
CA HIS A 298 3.66 20.23 18.14
C HIS A 298 3.03 19.47 17.02
N CYS A 299 3.47 19.69 15.81
CA CYS A 299 2.84 18.98 14.66
C CYS A 299 3.06 17.52 14.67
N LEU A 300 4.12 17.05 15.33
CA LEU A 300 4.47 15.61 15.36
C LEU A 300 5.00 15.17 14.00
N PRO A 301 5.85 14.16 13.93
CA PRO A 301 6.39 13.42 15.08
C PRO A 301 7.40 14.20 15.85
N ALA A 302 7.55 13.89 17.12
CA ALA A 302 8.41 14.63 18.01
C ALA A 302 9.51 13.76 18.65
N PHE A 303 10.65 14.38 18.88
CA PHE A 303 11.75 13.75 19.62
C PHE A 303 11.79 14.29 21.06
N HIS A 304 11.11 13.59 21.96
CA HIS A 304 10.95 13.99 23.32
C HIS A 304 11.53 13.04 24.36
N ASN A 305 12.17 11.95 23.91
CA ASN A 305 12.86 11.01 24.74
C ASN A 305 13.73 10.08 23.89
N ASP A 306 14.15 8.98 24.49
CA ASP A 306 14.98 8.00 23.84
C ASP A 306 14.22 6.77 23.27
N GLU A 307 12.95 6.91 22.95
CA GLU A 307 12.17 5.74 22.42
C GLU A 307 12.04 5.75 20.90
N THR A 308 12.89 6.53 20.21
CA THR A 308 13.06 6.43 18.78
C THR A 308 14.56 6.23 18.48
N THR A 309 14.89 5.60 17.36
CA THR A 309 16.31 5.32 17.11
C THR A 309 17.02 6.68 16.80
N ILE A 310 16.39 7.54 16.02
CA ILE A 310 17.05 8.77 15.61
C ILE A 310 17.16 9.75 16.79
N GLY A 311 16.06 9.86 17.54
CA GLY A 311 15.95 10.76 18.68
C GLY A 311 16.91 10.39 19.75
N LYS A 312 17.08 9.08 19.98
CA LYS A 312 18.04 8.63 21.01
C LYS A 312 19.51 8.90 20.59
N GLN A 313 19.84 8.57 19.37
CA GLN A 313 21.20 8.73 18.91
C GLN A 313 21.61 10.23 18.87
N VAL A 314 20.76 11.08 18.35
CA VAL A 314 21.11 12.51 18.30
C VAL A 314 21.20 13.13 19.69
N ALA A 315 20.26 12.79 20.56
CA ALA A 315 20.29 13.34 21.92
C ALA A 315 21.52 12.86 22.70
N ASP A 316 21.84 11.57 22.56
CA ASP A 316 22.99 10.97 23.23
C ASP A 316 24.27 11.66 22.82
N LYS A 317 24.38 12.00 21.55
CA LYS A 317 25.56 12.72 21.08
C LYS A 317 25.79 14.04 21.86
N PHE A 318 24.74 14.68 22.35
CA PHE A 318 24.86 15.92 23.11
C PHE A 318 24.55 15.73 24.62
N GLY A 319 24.40 14.47 25.01
CA GLY A 319 23.98 14.13 26.36
C GLY A 319 22.61 14.62 26.82
N MET A 320 21.67 14.73 25.90
CA MET A 320 20.38 15.36 26.17
C MET A 320 19.34 14.26 26.39
N LYS A 321 18.20 14.61 26.98
CA LYS A 321 17.12 13.63 27.19
C LYS A 321 16.09 13.69 26.04
N GLY A 322 15.60 14.86 25.73
CA GLY A 322 14.75 15.05 24.54
C GLY A 322 15.46 16.16 23.74
N LEU A 323 14.91 16.50 22.58
CA LEU A 323 15.44 17.55 21.70
C LEU A 323 14.60 18.81 21.77
N GLU A 324 13.64 18.96 20.84
CA GLU A 324 12.91 20.24 20.69
C GLU A 324 11.91 20.43 21.81
N VAL A 325 11.53 19.33 22.46
CA VAL A 325 10.65 19.41 23.64
C VAL A 325 11.01 18.32 24.64
N THR A 326 10.83 18.59 25.92
CA THR A 326 11.15 17.61 26.97
C THR A 326 9.95 16.71 27.25
N GLU A 327 10.26 15.57 27.79
CA GLU A 327 9.21 14.60 28.11
C GLU A 327 8.23 15.24 29.10
N GLU A 328 8.77 15.95 30.07
CA GLU A 328 7.96 16.62 31.06
C GLU A 328 6.91 17.58 30.45
N VAL A 329 7.30 18.43 29.51
CA VAL A 329 6.29 19.25 28.83
C VAL A 329 5.32 18.40 27.95
N PHE A 330 5.90 17.53 27.12
CA PHE A 330 5.14 16.79 26.12
C PHE A 330 4.01 15.98 26.78
N GLU A 331 4.26 15.40 27.95
CA GLU A 331 3.27 14.55 28.61
C GLU A 331 2.50 15.33 29.72
N SER A 332 2.74 16.62 29.88
CA SER A 332 2.02 17.41 30.92
C SER A 332 0.58 17.68 30.54
N GLU A 333 -0.20 18.16 31.50
CA GLU A 333 -1.54 18.64 31.22
C GLU A 333 -1.51 19.84 30.26
N HIS A 334 -0.40 20.50 30.08
CA HIS A 334 -0.39 21.66 29.15
C HIS A 334 -0.37 21.22 27.69
N SER A 335 0.02 19.97 27.42
CA SER A 335 0.14 19.44 26.07
C SER A 335 -1.22 19.06 25.47
N ILE A 336 -1.50 19.51 24.25
CA ILE A 336 -2.70 19.13 23.55
C ILE A 336 -2.39 18.45 22.22
N VAL A 337 -1.20 17.87 22.11
CA VAL A 337 -0.70 17.35 20.82
C VAL A 337 -1.58 16.26 20.24
N PHE A 338 -2.20 15.41 21.06
CA PHE A 338 -3.06 14.39 20.50
C PHE A 338 -4.46 14.86 20.04
N ASP A 339 -5.04 15.87 20.70
CA ASP A 339 -6.20 16.59 20.15
C ASP A 339 -5.86 17.21 18.79
N GLU A 340 -4.69 17.85 18.70
CA GLU A 340 -4.16 18.48 17.43
C GLU A 340 -3.99 17.42 16.32
N ALA A 341 -3.41 16.27 16.67
CA ALA A 341 -3.27 15.20 15.69
C ALA A 341 -4.63 14.64 15.21
N GLU A 342 -5.58 14.38 16.12
CA GLU A 342 -6.92 13.90 15.66
C GLU A 342 -7.57 14.93 14.69
N ASN A 343 -7.39 16.22 14.99
CA ASN A 343 -7.92 17.28 14.12
C ASN A 343 -7.30 17.36 12.72
N ARG A 344 -6.21 16.63 12.46
CA ARG A 344 -5.71 16.46 11.09
C ARG A 344 -6.71 15.83 10.16
N MET A 345 -7.41 14.80 10.68
CA MET A 345 -8.36 14.08 9.91
C MET A 345 -9.56 14.95 9.63
N HIS A 346 -10.08 15.67 10.64
CA HIS A 346 -11.34 16.44 10.43
C HIS A 346 -11.17 17.59 9.47
N THR A 347 -10.00 18.24 9.52
CA THR A 347 -9.65 19.31 8.59
C THR A 347 -9.38 18.89 7.18
N ILE A 348 -8.64 17.80 6.97
CA ILE A 348 -8.45 17.24 5.63
C ILE A 348 -9.78 16.85 5.05
N LYS A 349 -10.66 16.27 5.90
CA LYS A 349 -12.01 15.97 5.43
C LYS A 349 -12.73 17.19 4.88
N ALA A 350 -12.63 18.32 5.60
CA ALA A 350 -13.29 19.51 5.17
C ALA A 350 -12.71 20.00 3.88
N VAL A 351 -11.37 19.93 3.76
CA VAL A 351 -10.77 20.28 2.44
C VAL A 351 -11.31 19.49 1.28
N MET A 352 -11.33 18.17 1.44
CA MET A 352 -11.86 17.31 0.37
C MET A 352 -13.35 17.58 0.08
N VAL A 353 -14.13 17.69 1.14
CA VAL A 353 -15.58 17.83 0.98
C VAL A 353 -15.87 19.20 0.31
N ALA A 354 -15.15 20.20 0.74
CA ALA A 354 -15.39 21.55 0.14
C ALA A 354 -15.05 21.54 -1.34
N THR A 355 -13.95 20.90 -1.68
CA THR A 355 -13.43 21.05 -3.07
C THR A 355 -14.01 20.05 -4.00
N LEU A 356 -14.44 18.90 -3.48
CA LEU A 356 -14.81 17.77 -4.35
C LEU A 356 -16.16 17.23 -3.99
N GLY A 357 -16.68 17.63 -2.81
CA GLY A 357 -17.97 17.14 -2.35
C GLY A 357 -19.18 17.52 -3.19
N SER A 358 -20.21 16.69 -3.15
CA SER A 358 -21.61 17.01 -3.58
C SER A 358 -22.57 15.88 -3.18
N TYR B 19 -32.93 -22.04 26.74
CA TYR B 19 -32.02 -22.41 27.86
C TYR B 19 -30.61 -21.88 27.78
N PHE B 20 -29.87 -22.29 26.77
CA PHE B 20 -28.41 -22.11 26.73
C PHE B 20 -27.96 -20.91 25.89
N GLN B 21 -28.85 -20.44 25.01
CA GLN B 21 -28.55 -19.29 24.15
C GLN B 21 -28.10 -18.15 25.07
N SER B 22 -26.85 -17.70 24.91
CA SER B 22 -26.29 -16.66 25.76
C SER B 22 -25.36 -15.71 25.00
N ASN B 23 -25.45 -14.42 25.37
CA ASN B 23 -24.49 -13.37 24.98
C ASN B 23 -23.45 -12.94 26.05
N ALA B 24 -23.34 -13.62 27.19
CA ALA B 24 -22.33 -13.20 28.20
C ALA B 24 -20.89 -13.23 27.69
N MET B 25 -20.58 -14.31 26.99
CA MET B 25 -19.24 -14.57 26.51
C MET B 25 -18.87 -13.51 25.43
N ALA B 26 -19.80 -13.29 24.52
CA ALA B 26 -19.66 -12.22 23.53
C ALA B 26 -19.44 -10.85 24.22
N PHE B 27 -20.18 -10.57 25.31
CA PHE B 27 -20.03 -9.31 26.11
C PHE B 27 -18.60 -9.17 26.57
N ASN B 28 -18.07 -10.24 27.15
CA ASN B 28 -16.69 -10.23 27.63
C ASN B 28 -15.57 -10.05 26.62
N LEU B 29 -15.80 -10.45 25.37
CA LEU B 29 -14.80 -10.29 24.34
C LEU B 29 -14.80 -8.89 23.70
N ARG B 30 -15.90 -8.16 23.85
CA ARG B 30 -16.04 -6.86 23.24
C ARG B 30 -14.95 -5.92 23.74
N ASN B 31 -14.33 -5.22 22.83
CA ASN B 31 -13.33 -4.29 23.16
C ASN B 31 -12.03 -4.78 23.74
N ARG B 32 -11.79 -6.07 23.70
CA ARG B 32 -10.52 -6.66 24.15
C ARG B 32 -9.48 -6.52 23.05
N ASN B 33 -8.22 -6.46 23.46
CA ASN B 33 -7.10 -6.68 22.53
C ASN B 33 -6.94 -8.15 22.26
N PHE B 34 -6.21 -8.52 21.21
CA PHE B 34 -5.81 -9.99 21.00
C PHE B 34 -4.29 -10.13 20.83
N LEU B 35 -3.59 -10.12 21.93
CA LEU B 35 -2.13 -9.91 21.94
C LEU B 35 -1.38 -11.21 22.13
N LYS B 36 -1.99 -12.18 22.84
CA LYS B 36 -1.42 -13.49 23.00
C LYS B 36 -2.48 -14.41 23.70
N LEU B 37 -2.34 -15.71 23.47
CA LEU B 37 -3.31 -16.66 23.95
C LEU B 37 -3.30 -16.79 25.47
N LEU B 38 -2.18 -16.50 26.12
CA LEU B 38 -2.13 -16.49 27.58
C LEU B 38 -3.09 -15.45 28.18
N ASP B 39 -3.64 -14.53 27.40
CA ASP B 39 -4.57 -13.54 27.96
C ASP B 39 -6.02 -14.04 27.91
N PHE B 40 -6.27 -15.25 27.40
CA PHE B 40 -7.63 -15.74 27.15
C PHE B 40 -7.93 -17.06 27.88
N SER B 41 -9.16 -17.24 28.33
CA SER B 41 -9.58 -18.53 28.90
C SER B 41 -9.82 -19.62 27.82
N THR B 42 -9.83 -20.85 28.26
CA THR B 42 -10.16 -22.00 27.39
C THR B 42 -11.51 -21.81 26.67
N LYS B 43 -12.52 -21.37 27.43
CA LYS B 43 -13.85 -21.09 26.85
C LYS B 43 -13.85 -19.89 25.87
N GLU B 44 -13.01 -18.91 26.10
CA GLU B 44 -12.92 -17.79 25.13
C GLU B 44 -12.32 -18.24 23.82
N ILE B 45 -11.29 -19.06 23.91
CA ILE B 45 -10.65 -19.57 22.71
C ILE B 45 -11.59 -20.44 21.92
N GLN B 46 -12.34 -21.31 22.63
CA GLN B 46 -13.30 -22.17 21.95
C GLN B 46 -14.37 -21.36 21.27
N PHE B 47 -14.84 -20.30 21.92
CA PHE B 47 -15.82 -19.40 21.32
C PHE B 47 -15.30 -18.76 20.01
N LEU B 48 -14.07 -18.31 20.02
CA LEU B 48 -13.45 -17.75 18.83
C LEU B 48 -13.37 -18.78 17.68
N ILE B 49 -13.04 -20.01 18.03
CA ILE B 49 -12.98 -21.06 17.02
C ILE B 49 -14.38 -21.35 16.46
N ASP B 50 -15.36 -21.43 17.32
CA ASP B 50 -16.75 -21.72 16.88
C ASP B 50 -17.30 -20.56 16.05
N LEU B 51 -17.01 -19.34 16.46
CA LEU B 51 -17.38 -18.21 15.62
C LEU B 51 -16.76 -18.29 14.21
N SER B 52 -15.47 -18.66 14.16
CA SER B 52 -14.73 -18.78 12.91
C SER B 52 -15.44 -19.72 11.94
N ALA B 53 -15.89 -20.83 12.51
CA ALA B 53 -16.64 -21.83 11.77
C ALA B 53 -17.95 -21.33 11.23
N ASP B 54 -18.68 -20.58 12.05
CA ASP B 54 -19.91 -19.95 11.61
C ASP B 54 -19.71 -18.91 10.54
N LEU B 55 -18.67 -18.07 10.68
CA LEU B 55 -18.37 -17.06 9.62
C LEU B 55 -17.94 -17.71 8.32
N LYS B 56 -17.18 -18.79 8.39
CA LYS B 56 -16.76 -19.49 7.19
C LYS B 56 -17.98 -20.08 6.44
N LYS B 57 -18.86 -20.71 7.18
CA LYS B 57 -20.08 -21.22 6.55
C LYS B 57 -20.95 -20.14 5.93
N ALA B 58 -21.17 -19.03 6.64
CA ALA B 58 -21.99 -17.95 6.11
C ALA B 58 -21.40 -17.39 4.83
N LYS B 59 -20.06 -17.21 4.81
CA LYS B 59 -19.41 -16.74 3.58
C LYS B 59 -19.62 -17.72 2.44
N TYR B 60 -19.40 -19.00 2.67
CA TYR B 60 -19.63 -19.92 1.57
C TYR B 60 -21.16 -19.98 1.21
N ALA B 61 -22.07 -19.70 2.12
CA ALA B 61 -23.53 -19.84 1.80
C ALA B 61 -24.08 -18.52 1.25
N GLY B 62 -23.25 -17.47 1.26
CA GLY B 62 -23.66 -16.18 0.78
C GLY B 62 -24.60 -15.47 1.73
N THR B 63 -24.56 -15.77 3.00
CA THR B 63 -25.48 -15.16 3.97
C THR B 63 -24.78 -14.35 5.07
N GLU B 64 -23.54 -13.95 4.79
CA GLU B 64 -22.68 -13.30 5.79
C GLU B 64 -23.25 -11.93 6.17
N GLN B 65 -23.36 -11.62 7.44
CA GLN B 65 -23.82 -10.29 7.88
C GLN B 65 -22.64 -9.38 8.25
N LYS B 66 -22.69 -8.16 7.81
CA LYS B 66 -21.52 -7.22 7.99
C LYS B 66 -21.55 -6.58 9.35
N LYS B 67 -20.66 -6.97 10.25
CA LYS B 67 -20.70 -6.42 11.55
C LYS B 67 -19.63 -5.36 11.75
N LEU B 68 -18.83 -5.05 10.74
CA LEU B 68 -17.81 -4.00 10.85
C LEU B 68 -18.05 -2.88 9.85
N LEU B 69 -19.30 -2.66 9.52
CA LEU B 69 -19.66 -1.64 8.61
C LEU B 69 -19.26 -0.24 9.09
N GLY B 70 -18.56 0.51 8.25
CA GLY B 70 -18.15 1.91 8.56
C GLY B 70 -16.95 1.92 9.47
N LYS B 71 -16.40 0.75 9.86
CA LYS B 71 -15.22 0.74 10.70
C LYS B 71 -13.91 0.90 9.81
N ASN B 72 -12.91 1.53 10.38
CA ASN B 72 -11.63 1.76 9.70
C ASN B 72 -10.57 1.09 10.55
N ILE B 73 -9.71 0.32 9.89
CA ILE B 73 -8.71 -0.47 10.58
C ILE B 73 -7.31 -0.19 10.00
N ALA B 74 -6.32 -0.04 10.90
CA ALA B 74 -4.95 0.18 10.47
C ALA B 74 -4.18 -1.14 10.60
N LEU B 75 -3.38 -1.44 9.61
CA LEU B 75 -2.60 -2.70 9.58
C LEU B 75 -1.13 -2.33 9.52
N ILE B 76 -0.44 -2.42 10.67
CA ILE B 76 0.97 -2.07 10.73
C ILE B 76 1.81 -3.32 10.54
N PHE B 77 2.70 -3.32 9.52
CA PHE B 77 3.60 -4.41 9.25
C PHE B 77 5.02 -3.98 9.31
N GLU B 78 5.76 -4.35 10.37
CA GLU B 78 7.18 -4.04 10.46
C GLU B 78 7.98 -5.23 9.94
N LYS B 79 7.33 -6.33 9.61
CA LYS B 79 7.95 -7.45 8.88
C LYS B 79 7.09 -7.82 7.68
N ALA B 80 7.65 -8.59 6.77
CA ALA B 80 6.97 -8.99 5.56
C ALA B 80 5.79 -9.92 5.92
N SER B 81 4.81 -9.93 5.04
CA SER B 81 3.68 -10.84 5.15
C SER B 81 2.97 -10.99 3.78
N THR B 82 2.55 -12.20 3.48
CA THR B 82 1.57 -12.46 2.43
C THR B 82 0.24 -12.87 3.09
N ARG B 83 0.23 -14.04 3.76
CA ARG B 83 -1.01 -14.68 4.29
C ARG B 83 -1.70 -13.75 5.32
N THR B 84 -0.94 -13.29 6.31
CA THR B 84 -1.53 -12.60 7.47
C THR B 84 -2.15 -11.27 6.97
N ARG B 85 -1.39 -10.53 6.16
CA ARG B 85 -1.86 -9.30 5.60
C ARG B 85 -3.12 -9.46 4.75
N CYS B 86 -3.09 -10.42 3.84
CA CYS B 86 -4.23 -10.70 3.03
C CYS B 86 -5.46 -11.18 3.81
N ALA B 87 -5.23 -11.98 4.86
CA ALA B 87 -6.31 -12.45 5.69
C ALA B 87 -6.98 -11.27 6.47
N PHE B 88 -6.20 -10.34 6.91
CA PHE B 88 -6.79 -9.16 7.57
C PHE B 88 -7.54 -8.33 6.55
N GLU B 89 -6.99 -8.12 5.36
CA GLU B 89 -7.66 -7.28 4.38
C GLU B 89 -8.97 -7.90 3.92
N VAL B 90 -8.93 -9.16 3.59
CA VAL B 90 -10.15 -9.83 3.08
C VAL B 90 -11.22 -9.91 4.17
N ALA B 91 -10.83 -10.27 5.37
CA ALA B 91 -11.80 -10.38 6.42
C ALA B 91 -12.50 -9.03 6.73
N ALA B 92 -11.72 -7.91 6.72
CA ALA B 92 -12.26 -6.60 6.89
C ALA B 92 -13.23 -6.27 5.75
N PHE B 93 -12.83 -6.53 4.53
CA PHE B 93 -13.66 -6.18 3.37
C PHE B 93 -15.00 -6.93 3.40
N ASP B 94 -14.95 -8.23 3.60
CA ASP B 94 -16.19 -9.06 3.74
C ASP B 94 -17.11 -8.49 4.84
N GLN B 95 -16.52 -8.03 5.94
CA GLN B 95 -17.29 -7.50 7.06
C GLN B 95 -17.75 -6.01 6.99
N GLY B 96 -17.44 -5.35 5.88
CA GLY B 96 -17.85 -4.00 5.62
C GLY B 96 -16.83 -2.93 6.06
N ALA B 97 -15.65 -3.29 6.51
CA ALA B 97 -14.68 -2.30 6.99
C ALA B 97 -13.75 -1.83 5.88
N GLN B 98 -13.03 -0.74 6.14
CA GLN B 98 -11.91 -0.35 5.23
C GLN B 98 -10.59 -0.47 6.01
N VAL B 99 -9.46 -0.54 5.30
CA VAL B 99 -8.19 -0.73 5.86
C VAL B 99 -7.14 0.18 5.25
N THR B 100 -6.12 0.47 6.05
CA THR B 100 -4.92 1.24 5.62
C THR B 100 -3.76 0.32 5.96
N TYR B 101 -3.06 -0.12 4.92
CA TYR B 101 -1.90 -0.95 5.13
C TYR B 101 -0.64 -0.04 5.25
N ILE B 102 0.10 -0.19 6.34
CA ILE B 102 1.35 0.55 6.61
C ILE B 102 2.47 -0.45 6.66
N GLY B 103 3.21 -0.56 5.58
CA GLY B 103 4.27 -1.59 5.40
C GLY B 103 5.60 -1.15 6.06
N PRO B 104 6.65 -1.97 5.93
CA PRO B 104 7.88 -1.77 6.66
C PRO B 104 8.65 -0.48 6.27
N SER B 105 8.40 0.13 5.12
CA SER B 105 8.95 1.48 4.92
C SER B 105 7.84 2.45 4.56
N GLY B 106 8.15 3.73 4.55
CA GLY B 106 7.13 4.78 4.23
C GLY B 106 6.32 5.36 5.40
N SER B 107 6.47 4.77 6.59
CA SER B 107 5.86 5.26 7.81
C SER B 107 6.90 6.08 8.65
N GLN B 108 6.45 6.77 9.69
CA GLN B 108 7.34 7.30 10.71
C GLN B 108 7.73 6.32 11.84
N ILE B 109 7.15 5.14 11.86
CA ILE B 109 7.19 4.29 13.08
C ILE B 109 8.57 3.84 13.38
N GLY B 110 8.94 3.83 14.67
CA GLY B 110 10.25 3.33 15.14
C GLY B 110 11.50 4.28 14.99
N ASP B 111 11.76 4.77 13.80
CA ASP B 111 12.89 5.66 13.60
C ASP B 111 12.63 7.09 13.98
N LYS B 112 11.45 7.57 13.65
CA LYS B 112 11.08 8.95 13.93
C LYS B 112 10.01 9.15 14.98
N GLU B 113 9.30 8.08 15.39
CA GLU B 113 8.14 8.27 16.27
C GLU B 113 8.02 7.06 17.18
N SER B 114 7.85 7.31 18.47
CA SER B 114 7.73 6.24 19.48
C SER B 114 6.45 5.47 19.27
N MET B 115 6.47 4.22 19.71
CA MET B 115 5.23 3.44 19.68
C MET B 115 4.13 4.07 20.61
N LYS B 116 4.49 4.66 21.72
CA LYS B 116 3.48 5.30 22.57
C LYS B 116 2.73 6.42 21.85
N ASP B 117 3.50 7.22 21.09
CA ASP B 117 2.94 8.28 20.33
C ASP B 117 2.13 7.75 19.15
N THR B 118 2.66 6.76 18.45
CA THR B 118 2.00 6.24 17.31
C THR B 118 0.62 5.65 17.74
N ALA B 119 0.62 4.89 18.85
CA ALA B 119 -0.62 4.29 19.35
C ALA B 119 -1.70 5.32 19.65
N ARG B 120 -1.32 6.44 20.26
CA ARG B 120 -2.32 7.43 20.64
C ARG B 120 -2.82 8.17 19.42
N VAL B 121 -1.97 8.37 18.40
CA VAL B 121 -2.44 9.03 17.20
C VAL B 121 -3.38 8.10 16.42
N LEU B 122 -2.92 6.90 16.11
CA LEU B 122 -3.76 5.96 15.38
C LEU B 122 -5.10 5.64 16.09
N GLY B 123 -5.06 5.54 17.41
CA GLY B 123 -6.27 5.29 18.20
C GLY B 123 -7.31 6.41 18.13
N ARG B 124 -6.88 7.62 17.76
CA ARG B 124 -7.79 8.71 17.48
C ARG B 124 -8.42 8.68 16.10
N MET B 125 -7.83 7.98 15.14
CA MET B 125 -8.37 7.94 13.81
C MET B 125 -9.02 6.59 13.44
N TYR B 126 -8.46 5.48 13.88
CA TYR B 126 -8.94 4.14 13.54
C TYR B 126 -9.79 3.51 14.65
N ASP B 127 -10.59 2.53 14.28
CA ASP B 127 -11.44 1.81 15.24
C ASP B 127 -10.79 0.54 15.78
N GLY B 128 -9.78 0.03 15.07
CA GLY B 128 -8.99 -1.14 15.48
C GLY B 128 -7.63 -1.12 14.78
N ILE B 129 -6.63 -1.78 15.37
CA ILE B 129 -5.27 -1.79 14.87
C ILE B 129 -4.63 -3.18 14.92
N GLN B 130 -4.09 -3.66 13.81
CA GLN B 130 -3.24 -4.86 13.78
C GLN B 130 -1.80 -4.48 13.79
N TYR B 131 -0.96 -5.27 14.49
CA TYR B 131 0.49 -5.07 14.45
C TYR B 131 1.26 -6.42 14.25
N ARG B 132 2.19 -6.39 13.31
CA ARG B 132 3.15 -7.45 13.11
C ARG B 132 4.52 -6.83 13.24
N GLY B 133 5.36 -7.40 14.10
CA GLY B 133 6.71 -6.86 14.21
C GLY B 133 7.65 -7.68 15.09
N PHE B 134 8.34 -6.97 15.96
CA PHE B 134 9.45 -7.44 16.76
C PHE B 134 9.04 -7.81 18.17
N GLY B 135 9.57 -7.17 19.22
CA GLY B 135 9.31 -7.65 20.59
C GLY B 135 7.80 -7.62 20.97
N GLN B 136 7.35 -8.65 21.69
CA GLN B 136 6.04 -8.69 22.25
C GLN B 136 5.80 -7.42 23.10
N ALA B 137 6.86 -6.90 23.73
CA ALA B 137 6.74 -5.67 24.51
C ALA B 137 6.21 -4.50 23.71
N ILE B 138 6.55 -4.44 22.44
CA ILE B 138 6.04 -3.38 21.58
C ILE B 138 4.56 -3.51 21.35
N VAL B 139 4.07 -4.69 21.05
CA VAL B 139 2.63 -4.84 20.81
C VAL B 139 1.86 -4.63 22.10
N GLU B 140 2.47 -4.97 23.22
CA GLU B 140 1.80 -4.73 24.50
C GLU B 140 1.66 -3.23 24.83
N GLU B 141 2.69 -2.45 24.47
CA GLU B 141 2.61 -1.01 24.66
C GLU B 141 1.53 -0.44 23.76
N LEU B 142 1.52 -0.88 22.50
CA LEU B 142 0.45 -0.43 21.58
C LEU B 142 -0.92 -0.75 22.18
N GLY B 143 -1.08 -1.97 22.72
CA GLY B 143 -2.35 -2.41 23.27
C GLY B 143 -2.72 -1.60 24.49
N ALA B 144 -1.74 -1.18 25.28
CA ALA B 144 -2.06 -0.35 26.44
C ALA B 144 -2.40 1.10 26.08
N PHE B 145 -1.83 1.66 25.02
CA PHE B 145 -1.93 3.11 24.78
C PHE B 145 -2.90 3.49 23.66
N ALA B 146 -3.29 2.54 22.79
CA ALA B 146 -4.12 2.92 21.65
C ALA B 146 -5.53 3.36 22.01
N GLY B 147 -6.15 2.66 22.95
CA GLY B 147 -7.51 2.93 23.36
C GLY B 147 -8.54 2.33 22.40
N VAL B 148 -8.13 1.46 21.51
CA VAL B 148 -9.04 0.71 20.66
C VAL B 148 -8.49 -0.73 20.59
N PRO B 149 -9.27 -1.67 20.06
CA PRO B 149 -8.70 -3.02 20.04
C PRO B 149 -7.42 -3.17 19.18
N VAL B 150 -6.42 -3.88 19.74
CA VAL B 150 -5.19 -4.18 19.06
C VAL B 150 -4.99 -5.68 18.96
N TRP B 151 -4.63 -6.11 17.76
CA TRP B 151 -4.46 -7.52 17.42
C TRP B 151 -3.04 -7.82 17.00
N ASN B 152 -2.44 -8.81 17.64
CA ASN B 152 -1.10 -9.29 17.31
C ASN B 152 -1.09 -10.26 16.10
N GLY B 153 -0.50 -9.77 15.02
CA GLY B 153 -0.38 -10.51 13.75
C GLY B 153 0.94 -11.23 13.53
N LEU B 154 1.72 -11.27 14.60
CA LEU B 154 2.98 -11.95 14.82
C LEU B 154 3.98 -11.05 15.51
N THR B 155 4.59 -11.59 16.57
CA THR B 155 5.76 -10.96 17.19
C THR B 155 6.89 -11.98 17.23
N ASP B 156 8.09 -11.55 17.66
CA ASP B 156 9.16 -12.53 17.85
C ASP B 156 8.74 -13.70 18.78
N GLU B 157 7.94 -13.44 19.77
CA GLU B 157 7.61 -14.44 20.81
C GLU B 157 6.36 -15.24 20.54
N PHE B 158 5.32 -14.64 19.96
CA PHE B 158 4.01 -15.31 19.84
C PHE B 158 3.32 -15.06 18.50
N HIS B 159 2.50 -16.03 18.07
CA HIS B 159 1.72 -15.88 16.83
C HIS B 159 0.32 -16.41 17.01
N PRO B 160 -0.52 -15.68 17.75
CA PRO B 160 -1.78 -16.22 18.21
C PRO B 160 -2.85 -16.47 17.16
N THR B 161 -2.89 -15.66 16.11
CA THR B 161 -3.91 -15.86 15.07
C THR B 161 -3.63 -17.16 14.27
N GLN B 162 -2.36 -17.50 14.10
CA GLN B 162 -1.99 -18.68 13.39
C GLN B 162 -2.57 -19.95 14.10
N ILE B 163 -2.41 -19.98 15.40
CA ILE B 163 -2.84 -21.15 16.18
C ILE B 163 -4.34 -21.28 16.20
N LEU B 164 -5.10 -20.19 16.21
CA LEU B 164 -6.53 -20.34 16.03
C LEU B 164 -6.85 -21.03 14.73
N ALA B 165 -6.20 -20.59 13.66
CA ALA B 165 -6.41 -21.20 12.34
C ALA B 165 -6.03 -22.68 12.35
N ASP B 166 -4.94 -22.99 13.02
CA ASP B 166 -4.46 -24.34 13.06
C ASP B 166 -5.49 -25.26 13.82
N PHE B 167 -6.07 -24.77 14.90
CA PHE B 167 -6.95 -25.55 15.72
C PHE B 167 -8.26 -25.76 15.00
N LEU B 168 -8.75 -24.73 14.30
CA LEU B 168 -9.95 -24.91 13.45
C LEU B 168 -9.68 -25.98 12.43
N THR B 169 -8.51 -25.93 11.82
CA THR B 169 -8.14 -26.88 10.79
C THR B 169 -8.10 -28.28 11.35
N MET B 170 -7.50 -28.46 12.52
CA MET B 170 -7.47 -29.78 13.16
C MET B 170 -8.89 -30.34 13.47
N LEU B 171 -9.78 -29.49 13.98
CA LEU B 171 -11.12 -29.88 14.21
C LEU B 171 -11.78 -30.30 12.90
N GLU B 172 -11.57 -29.57 11.83
CA GLU B 172 -12.26 -29.92 10.60
C GLU B 172 -11.73 -31.18 10.03
N HIS B 173 -10.43 -31.42 10.17
CA HIS B 173 -9.86 -32.62 9.60
C HIS B 173 -9.88 -33.82 10.55
N SER B 174 -10.70 -33.78 11.59
CA SER B 174 -10.81 -34.87 12.54
C SER B 174 -12.28 -35.27 12.43
N GLN B 175 -12.58 -36.48 12.81
CA GLN B 175 -13.98 -37.04 12.82
C GLN B 175 -14.41 -37.26 14.26
N GLY B 176 -15.29 -36.45 14.80
CA GLY B 176 -15.81 -36.72 16.14
C GLY B 176 -14.82 -36.53 17.27
N LYS B 177 -13.78 -35.73 17.06
CA LYS B 177 -12.91 -35.42 18.16
C LYS B 177 -12.95 -33.97 18.57
N ALA B 178 -12.88 -33.71 19.86
CA ALA B 178 -12.67 -32.34 20.33
C ALA B 178 -11.18 -32.10 20.36
N LEU B 179 -10.80 -30.84 20.55
CA LEU B 179 -9.40 -30.54 20.65
C LEU B 179 -8.70 -31.35 21.73
N ALA B 180 -9.36 -31.52 22.86
CA ALA B 180 -8.79 -32.30 23.96
C ALA B 180 -8.44 -33.75 23.62
N ASP B 181 -8.97 -34.29 22.54
CA ASP B 181 -8.66 -35.65 22.15
C ASP B 181 -7.56 -35.79 21.15
N ILE B 182 -6.99 -34.68 20.71
CA ILE B 182 -6.01 -34.68 19.64
C ILE B 182 -4.58 -34.70 20.19
N GLN B 183 -3.73 -35.46 19.49
CA GLN B 183 -2.33 -35.53 19.75
C GLN B 183 -1.56 -35.03 18.52
N PHE B 184 -0.55 -34.18 18.77
CA PHE B 184 0.29 -33.67 17.69
C PHE B 184 1.70 -33.39 18.09
N ALA B 185 2.54 -33.32 17.07
CA ALA B 185 3.94 -32.98 17.27
C ALA B 185 4.37 -31.84 16.37
N TYR B 186 5.18 -30.98 16.93
CA TYR B 186 5.83 -29.90 16.23
C TYR B 186 7.31 -30.20 16.22
N LEU B 187 7.87 -30.18 15.03
CA LEU B 187 9.26 -30.54 14.81
C LEU B 187 10.12 -29.34 14.36
N GLY B 188 11.30 -29.26 14.96
CA GLY B 188 12.32 -28.24 14.58
C GLY B 188 12.69 -27.19 15.64
N ASP B 189 12.48 -25.92 15.26
CA ASP B 189 12.85 -24.78 16.08
C ASP B 189 11.67 -24.53 17.02
N ALA B 190 11.72 -25.17 18.19
CA ALA B 190 10.57 -25.15 19.07
C ALA B 190 10.45 -23.89 19.87
N ARG B 191 11.42 -22.99 19.80
CA ARG B 191 11.33 -21.73 20.57
C ARG B 191 11.05 -20.50 19.72
N ASN B 192 10.65 -20.69 18.47
CA ASN B 192 10.17 -19.61 17.70
C ASN B 192 8.70 -19.27 18.05
N ASN B 193 8.20 -18.22 17.45
CA ASN B 193 6.87 -17.73 17.80
C ASN B 193 5.79 -18.82 17.70
N VAL B 194 5.83 -19.61 16.62
CA VAL B 194 4.79 -20.60 16.35
C VAL B 194 4.82 -21.77 17.36
N GLY B 195 6.01 -22.25 17.65
CA GLY B 195 6.18 -23.23 18.71
C GLY B 195 5.67 -22.79 20.03
N ASN B 196 6.08 -21.60 20.43
CA ASN B 196 5.62 -21.06 21.71
C ASN B 196 4.10 -21.10 21.77
N SER B 197 3.47 -20.60 20.71
CA SER B 197 2.04 -20.39 20.68
C SER B 197 1.27 -21.72 20.63
N LEU B 198 1.81 -22.70 19.90
CA LEU B 198 1.25 -24.02 19.85
C LEU B 198 1.24 -24.60 21.26
N MET B 199 2.33 -24.40 21.97
CA MET B 199 2.44 -25.00 23.28
C MET B 199 1.41 -24.38 24.20
N VAL B 200 1.34 -23.05 24.19
CA VAL B 200 0.29 -22.35 24.98
C VAL B 200 -1.12 -22.84 24.59
N GLY B 201 -1.41 -22.88 23.31
CA GLY B 201 -2.78 -23.30 22.89
C GLY B 201 -3.11 -24.71 23.28
N ALA B 202 -2.13 -25.60 23.10
CA ALA B 202 -2.33 -26.97 23.46
C ALA B 202 -2.66 -27.11 24.92
N ALA B 203 -1.92 -26.41 25.74
CA ALA B 203 -2.17 -26.41 27.16
C ALA B 203 -3.55 -25.86 27.50
N LYS B 204 -3.91 -24.71 26.89
CA LYS B 204 -5.22 -24.15 27.15
C LYS B 204 -6.37 -25.13 26.81
N MET B 205 -6.24 -25.89 25.71
CA MET B 205 -7.34 -26.63 25.17
C MET B 205 -7.25 -28.11 25.57
N GLY B 206 -6.28 -28.48 26.42
CA GLY B 206 -6.26 -29.84 26.96
C GLY B 206 -5.67 -30.85 25.99
N MET B 207 -4.85 -30.38 25.05
CA MET B 207 -4.32 -31.27 24.01
C MET B 207 -3.04 -31.97 24.45
N ASP B 208 -2.59 -32.96 23.66
CA ASP B 208 -1.31 -33.64 23.87
C ASP B 208 -0.31 -33.20 22.81
N ILE B 209 0.63 -32.35 23.21
CA ILE B 209 1.62 -31.78 22.28
C ILE B 209 3.00 -32.34 22.57
N ARG B 210 3.72 -32.71 21.53
CA ARG B 210 5.13 -33.04 21.66
C ARG B 210 5.94 -32.02 20.86
N LEU B 211 6.93 -31.42 21.52
CA LEU B 211 7.89 -30.52 20.89
C LEU B 211 9.14 -31.31 20.68
N VAL B 212 9.44 -31.54 19.40
CA VAL B 212 10.48 -32.51 18.98
C VAL B 212 11.57 -31.76 18.19
N GLY B 213 12.74 -31.60 18.80
CA GLY B 213 13.83 -30.88 18.20
C GLY B 213 15.02 -30.85 19.11
N PRO B 214 16.11 -30.19 18.67
CA PRO B 214 17.29 -30.12 19.51
C PRO B 214 17.03 -29.28 20.74
N GLN B 215 17.61 -29.75 21.82
CA GLN B 215 17.37 -29.24 23.13
C GLN B 215 17.73 -27.75 23.26
N ALA B 216 18.76 -27.31 22.56
CA ALA B 216 19.14 -25.89 22.58
C ALA B 216 18.04 -25.00 22.02
N TYR B 217 17.09 -25.56 21.26
CA TYR B 217 15.98 -24.76 20.71
C TYR B 217 14.63 -25.07 21.32
N TRP B 218 14.64 -25.76 22.46
CA TRP B 218 13.42 -25.90 23.23
C TRP B 218 12.93 -24.56 23.79
N PRO B 219 11.65 -24.46 24.05
CA PRO B 219 11.15 -23.18 24.54
C PRO B 219 11.65 -22.82 25.92
N ASP B 220 11.60 -21.55 26.24
CA ASP B 220 12.07 -21.05 27.51
C ASP B 220 11.44 -21.77 28.73
N GLU B 221 12.24 -21.99 29.78
CA GLU B 221 11.84 -22.84 30.91
C GLU B 221 10.69 -22.20 31.65
N GLU B 222 10.67 -20.89 31.69
CA GLU B 222 9.60 -20.22 32.42
C GLU B 222 8.27 -20.34 31.65
N LEU B 223 8.32 -20.28 30.32
CA LEU B 223 7.13 -20.44 29.52
C LEU B 223 6.63 -21.89 29.67
N VAL B 224 7.54 -22.86 29.58
CA VAL B 224 7.14 -24.24 29.73
C VAL B 224 6.44 -24.43 31.07
N ALA B 225 7.02 -23.89 32.12
CA ALA B 225 6.48 -24.07 33.45
C ALA B 225 5.08 -23.46 33.55
N ALA B 226 4.87 -22.30 32.95
CA ALA B 226 3.53 -21.72 32.96
C ALA B 226 2.51 -22.60 32.19
N CYS B 227 2.97 -23.16 31.06
CA CYS B 227 2.10 -24.04 30.29
C CYS B 227 1.76 -25.36 31.03
N GLN B 228 2.72 -25.89 31.77
CA GLN B 228 2.50 -27.12 32.49
C GLN B 228 1.44 -26.88 33.56
N ALA B 229 1.53 -25.73 34.25
CA ALA B 229 0.55 -25.40 35.28
C ALA B 229 -0.86 -25.26 34.65
N ILE B 230 -0.92 -24.63 33.49
CA ILE B 230 -2.20 -24.57 32.77
C ILE B 230 -2.71 -25.98 32.39
N ALA B 231 -1.80 -26.81 31.86
CA ALA B 231 -2.18 -28.11 31.36
C ALA B 231 -2.66 -29.08 32.47
N LYS B 232 -2.13 -28.90 33.69
CA LYS B 232 -2.57 -29.65 34.83
C LYS B 232 -4.06 -29.44 35.06
N GLN B 233 -4.56 -28.24 34.84
CA GLN B 233 -5.98 -27.97 35.06
C GLN B 233 -6.85 -28.41 33.87
N THR B 234 -6.29 -28.58 32.67
CA THR B 234 -7.12 -28.92 31.50
C THR B 234 -6.98 -30.36 31.07
N GLY B 235 -6.06 -31.11 31.69
CA GLY B 235 -5.75 -32.47 31.29
C GLY B 235 -4.86 -32.56 30.07
N GLY B 236 -4.22 -31.47 29.69
CA GLY B 236 -3.28 -31.48 28.57
C GLY B 236 -1.99 -32.18 28.95
N LYS B 237 -1.18 -32.50 27.94
CA LYS B 237 0.13 -33.05 28.18
C LYS B 237 1.12 -32.28 27.31
N ILE B 238 2.30 -32.01 27.85
CA ILE B 238 3.39 -31.39 27.13
C ILE B 238 4.64 -32.23 27.25
N THR B 239 5.16 -32.70 26.13
CA THR B 239 6.41 -33.46 26.14
C THR B 239 7.46 -32.73 25.31
N LEU B 240 8.67 -32.62 25.82
CA LEU B 240 9.79 -32.10 25.07
C LEU B 240 10.75 -33.24 24.81
N THR B 241 11.16 -33.46 23.57
CA THR B 241 12.13 -34.55 23.33
C THR B 241 13.02 -34.28 22.12
N GLU B 242 14.20 -34.88 22.14
CA GLU B 242 15.03 -34.92 20.94
C GLU B 242 14.80 -36.17 20.11
N ASN B 243 14.00 -37.13 20.58
CA ASN B 243 13.86 -38.45 19.88
C ASN B 243 12.57 -38.45 19.02
N VAL B 244 12.75 -38.45 17.71
CA VAL B 244 11.66 -38.31 16.78
C VAL B 244 10.67 -39.48 16.91
N ALA B 245 11.18 -40.70 16.95
CA ALA B 245 10.32 -41.88 16.96
C ALA B 245 9.43 -41.81 18.18
N GLU B 246 10.00 -41.47 19.31
CA GLU B 246 9.23 -41.35 20.53
C GLU B 246 8.27 -40.19 20.47
N GLY B 247 8.69 -39.05 19.92
CA GLY B 247 7.84 -37.89 19.86
C GLY B 247 6.64 -37.96 18.93
N VAL B 248 6.76 -38.68 17.81
CA VAL B 248 5.70 -38.66 16.82
C VAL B 248 4.76 -39.86 16.87
N GLN B 249 5.06 -40.86 17.68
CA GLN B 249 4.30 -42.06 17.70
C GLN B 249 2.87 -41.72 18.07
N GLY B 250 1.94 -42.17 17.23
CA GLY B 250 0.50 -42.01 17.52
C GLY B 250 -0.09 -40.64 17.20
N CYS B 251 0.72 -39.73 16.62
CA CYS B 251 0.20 -38.39 16.34
C CYS B 251 -0.85 -38.34 15.21
N ASP B 252 -1.89 -37.53 15.42
CA ASP B 252 -2.90 -37.19 14.43
C ASP B 252 -2.37 -36.19 13.40
N PHE B 253 -1.56 -35.25 13.88
CA PHE B 253 -0.95 -34.18 13.05
C PHE B 253 0.53 -34.06 13.33
N LEU B 254 1.29 -33.78 12.26
CA LEU B 254 2.68 -33.33 12.36
C LEU B 254 2.82 -31.94 11.78
N TYR B 255 3.55 -31.06 12.46
CA TYR B 255 3.59 -29.69 12.15
C TYR B 255 5.01 -29.26 12.14
N THR B 256 5.40 -28.41 11.19
CA THR B 256 6.73 -27.83 11.21
C THR B 256 6.72 -26.37 10.68
N ASP B 257 7.90 -25.72 10.69
CA ASP B 257 8.05 -24.34 10.27
C ASP B 257 9.52 -24.15 9.87
N VAL B 258 9.82 -23.03 9.24
CA VAL B 258 11.20 -22.72 8.86
C VAL B 258 12.14 -22.70 10.06
N TRP B 259 13.35 -23.12 9.83
CA TRP B 259 14.34 -23.26 10.93
C TRP B 259 14.96 -21.92 11.35
N VAL B 260 14.83 -20.91 10.48
CA VAL B 260 15.27 -19.55 10.77
C VAL B 260 14.09 -18.60 10.48
N SER B 261 13.72 -17.79 11.46
CA SER B 261 12.57 -16.90 11.32
C SER B 261 12.93 -15.49 10.83
N MET B 262 11.92 -14.74 10.38
CA MET B 262 12.17 -13.29 10.03
C MET B 262 12.77 -12.49 11.16
N GLY B 263 13.71 -11.61 10.81
CA GLY B 263 14.36 -10.79 11.80
C GLY B 263 15.59 -11.46 12.36
N GLU B 264 15.80 -12.78 12.20
CA GLU B 264 17.06 -13.41 12.71
C GLU B 264 18.19 -13.23 11.71
N SER B 265 19.44 -13.40 12.11
CA SER B 265 20.54 -13.24 11.10
C SER B 265 20.62 -14.36 10.08
N PRO B 266 20.99 -14.04 8.84
CA PRO B 266 21.24 -15.09 7.85
C PRO B 266 22.38 -16.05 8.27
N GLU B 267 23.24 -15.63 9.18
CA GLU B 267 24.26 -16.51 9.78
C GLU B 267 23.65 -17.72 10.42
N ALA B 268 22.43 -17.57 10.91
CA ALA B 268 21.81 -18.65 11.67
C ALA B 268 21.61 -19.90 10.90
N TRP B 269 21.54 -19.85 9.57
CA TRP B 269 21.49 -21.10 8.79
C TRP B 269 22.67 -22.00 9.06
N ASP B 270 23.88 -21.40 9.09
CA ASP B 270 25.11 -22.11 9.31
C ASP B 270 25.12 -22.76 10.67
N GLU B 271 24.62 -22.05 11.66
CA GLU B 271 24.51 -22.60 13.02
C GLU B 271 23.51 -23.76 13.11
N ARG B 272 22.48 -23.77 12.27
CA ARG B 272 21.30 -24.57 12.58
C ARG B 272 21.02 -25.74 11.72
N VAL B 273 21.37 -25.68 10.45
CA VAL B 273 21.00 -26.75 9.57
C VAL B 273 21.44 -28.16 10.06
N ALA B 274 22.69 -28.32 10.48
CA ALA B 274 23.19 -29.62 10.91
C ALA B 274 22.44 -30.11 12.14
N LEU B 275 22.13 -29.21 13.08
CA LEU B 275 21.30 -29.60 14.24
C LEU B 275 19.85 -29.96 13.88
N MET B 276 19.28 -29.22 12.92
CA MET B 276 17.85 -29.33 12.57
C MET B 276 17.56 -30.44 11.59
N LYS B 277 18.52 -30.75 10.73
CA LYS B 277 18.35 -31.78 9.70
C LYS B 277 17.66 -33.13 10.14
N PRO B 278 18.00 -33.69 11.31
CA PRO B 278 17.32 -34.94 11.70
C PRO B 278 15.83 -34.75 11.91
N TYR B 279 15.40 -33.49 12.05
CA TYR B 279 13.99 -33.19 12.34
C TYR B 279 13.19 -32.77 11.13
N GLN B 280 13.76 -33.01 9.97
CA GLN B 280 13.04 -32.75 8.73
C GLN B 280 11.84 -33.64 8.68
N VAL B 281 10.73 -33.09 8.22
CA VAL B 281 9.54 -33.92 8.03
C VAL B 281 9.66 -34.48 6.67
N ASN B 282 9.95 -35.78 6.60
CA ASN B 282 9.91 -36.55 5.37
C ASN B 282 9.01 -37.79 5.60
N MET B 283 8.91 -38.64 4.58
CA MET B 283 7.97 -39.74 4.60
C MET B 283 8.29 -40.72 5.72
N ASN B 284 9.58 -40.90 6.00
CA ASN B 284 9.99 -41.70 7.13
C ASN B 284 9.32 -41.21 8.43
N VAL B 285 9.35 -39.90 8.64
CA VAL B 285 8.77 -39.37 9.86
C VAL B 285 7.26 -39.68 9.90
N LEU B 286 6.56 -39.55 8.78
CA LEU B 286 5.15 -39.83 8.78
C LEU B 286 4.86 -41.32 9.11
N LYS B 287 5.72 -42.21 8.57
CA LYS B 287 5.65 -43.62 8.87
C LYS B 287 5.90 -43.91 10.34
N GLN B 288 6.86 -43.22 10.94
CA GLN B 288 7.08 -43.42 12.38
C GLN B 288 5.88 -43.11 13.28
N THR B 289 4.87 -42.37 12.77
CA THR B 289 3.65 -42.17 13.58
C THR B 289 2.91 -43.47 13.80
N GLY B 290 3.09 -44.45 12.90
CA GLY B 290 2.22 -45.68 12.91
C GLY B 290 0.76 -45.34 12.55
N ASN B 291 0.49 -44.11 12.10
CA ASN B 291 -0.89 -43.67 11.84
C ASN B 291 -1.11 -43.43 10.36
N PRO B 292 -1.85 -44.33 9.71
CA PRO B 292 -2.06 -44.14 8.27
C PRO B 292 -2.88 -42.89 7.91
N ASN B 293 -3.68 -42.37 8.85
CA ASN B 293 -4.44 -41.13 8.67
C ASN B 293 -3.71 -39.83 9.13
N VAL B 294 -2.42 -39.90 9.42
CA VAL B 294 -1.70 -38.72 9.87
C VAL B 294 -1.75 -37.56 8.86
N LYS B 295 -1.90 -36.35 9.36
CA LYS B 295 -1.91 -35.16 8.46
C LYS B 295 -0.74 -34.23 8.74
N PHE B 296 -0.29 -33.57 7.69
CA PHE B 296 0.86 -32.66 7.77
C PHE B 296 0.43 -31.19 7.71
N MET B 297 0.92 -30.41 8.68
CA MET B 297 0.64 -28.98 8.76
C MET B 297 1.93 -28.17 8.77
N HIS B 298 1.81 -26.96 8.30
CA HIS B 298 2.96 -26.01 8.24
C HIS B 298 2.35 -24.65 8.17
N CYS B 299 2.79 -23.73 9.02
CA CYS B 299 2.21 -22.39 8.98
C CYS B 299 2.40 -21.69 7.64
N LEU B 300 3.48 -21.98 6.95
CA LEU B 300 3.92 -21.28 5.69
C LEU B 300 4.51 -19.94 6.06
N PRO B 301 5.37 -19.37 5.19
CA PRO B 301 5.89 -19.94 3.98
C PRO B 301 6.89 -21.05 4.27
N ALA B 302 7.04 -21.98 3.34
CA ALA B 302 7.85 -23.19 3.51
C ALA B 302 8.89 -23.34 2.43
N PHE B 303 10.04 -23.89 2.85
CA PHE B 303 11.11 -24.25 1.97
C PHE B 303 11.13 -25.74 1.70
N HIS B 304 10.47 -26.11 0.62
CA HIS B 304 10.29 -27.53 0.31
C HIS B 304 10.90 -27.96 -1.01
N ASN B 305 11.51 -27.02 -1.73
CA ASN B 305 12.18 -27.29 -2.98
C ASN B 305 13.08 -26.09 -3.36
N ASP B 306 13.47 -26.00 -4.62
CA ASP B 306 14.36 -24.93 -5.08
C ASP B 306 13.62 -23.82 -5.78
N GLU B 307 12.33 -23.64 -5.53
CA GLU B 307 11.60 -22.60 -6.25
C GLU B 307 11.48 -21.29 -5.44
N THR B 308 12.35 -21.10 -4.44
CA THR B 308 12.54 -19.76 -3.81
C THR B 308 14.01 -19.44 -3.81
N THR B 309 14.36 -18.16 -3.68
CA THR B 309 15.79 -17.80 -3.78
C THR B 309 16.51 -18.27 -2.53
N ILE B 310 15.92 -18.01 -1.36
CA ILE B 310 16.56 -18.40 -0.12
C ILE B 310 16.64 -19.91 0.06
N GLY B 311 15.51 -20.58 -0.23
CA GLY B 311 15.41 -22.02 -0.07
C GLY B 311 16.38 -22.77 -0.95
N LYS B 312 16.53 -22.29 -2.19
CA LYS B 312 17.47 -22.90 -3.14
C LYS B 312 18.93 -22.72 -2.74
N GLN B 313 19.27 -21.53 -2.33
CA GLN B 313 20.63 -21.26 -1.93
C GLN B 313 21.01 -22.10 -0.71
N VAL B 314 20.17 -22.10 0.32
CA VAL B 314 20.52 -22.84 1.52
C VAL B 314 20.61 -24.33 1.25
N ALA B 315 19.66 -24.87 0.51
CA ALA B 315 19.61 -26.31 0.31
C ALA B 315 20.80 -26.76 -0.54
N ASP B 316 21.11 -25.95 -1.55
CA ASP B 316 22.28 -26.21 -2.42
C ASP B 316 23.55 -26.28 -1.62
N LYS B 317 23.71 -25.35 -0.70
CA LYS B 317 24.87 -25.32 0.14
C LYS B 317 25.04 -26.58 0.98
N PHE B 318 23.93 -27.22 1.39
CA PHE B 318 24.03 -28.39 2.27
C PHE B 318 23.72 -29.70 1.56
N GLY B 319 23.66 -29.66 0.23
CA GLY B 319 23.28 -30.84 -0.53
C GLY B 319 21.92 -31.41 -0.18
N MET B 320 20.92 -30.55 0.01
CA MET B 320 19.56 -31.00 0.31
C MET B 320 18.62 -30.58 -0.82
N LYS B 321 17.46 -31.21 -0.86
CA LYS B 321 16.41 -30.87 -1.83
C LYS B 321 15.38 -29.88 -1.24
N GLY B 322 14.82 -30.23 -0.10
CA GLY B 322 14.01 -29.28 0.69
C GLY B 322 14.66 -29.18 2.06
N LEU B 323 14.14 -28.30 2.89
CA LEU B 323 14.68 -28.10 4.22
C LEU B 323 13.80 -28.78 5.28
N GLU B 324 12.90 -28.02 5.92
CA GLU B 324 12.16 -28.52 7.08
C GLU B 324 11.12 -29.56 6.67
N VAL B 325 10.77 -29.56 5.39
CA VAL B 325 9.86 -30.58 4.82
C VAL B 325 10.27 -30.89 3.39
N THR B 326 10.07 -32.14 2.97
CA THR B 326 10.35 -32.55 1.59
C THR B 326 9.16 -32.27 0.66
N GLU B 327 9.46 -32.16 -0.63
CA GLU B 327 8.45 -31.89 -1.64
C GLU B 327 7.42 -33.03 -1.59
N GLU B 328 7.91 -34.24 -1.40
CA GLU B 328 7.05 -35.43 -1.35
C GLU B 328 5.98 -35.32 -0.25
N VAL B 329 6.35 -34.96 0.96
CA VAL B 329 5.35 -34.74 2.02
C VAL B 329 4.45 -33.53 1.77
N PHE B 330 5.07 -32.41 1.36
CA PHE B 330 4.36 -31.13 1.21
C PHE B 330 3.23 -31.24 0.18
N GLU B 331 3.48 -31.95 -0.93
CA GLU B 331 2.51 -32.09 -1.97
C GLU B 331 1.62 -33.39 -1.84
N SER B 332 1.81 -34.19 -0.78
CA SER B 332 1.07 -35.47 -0.67
C SER B 332 -0.36 -35.25 -0.28
N GLU B 333 -1.16 -36.29 -0.39
CA GLU B 333 -2.52 -36.31 0.12
C GLU B 333 -2.51 -36.11 1.62
N HIS B 334 -1.43 -36.39 2.32
CA HIS B 334 -1.40 -36.08 3.76
C HIS B 334 -1.33 -34.60 4.15
N SER B 335 -0.88 -33.76 3.21
CA SER B 335 -0.69 -32.33 3.49
C SER B 335 -2.00 -31.56 3.47
N ILE B 336 -2.28 -30.77 4.53
CA ILE B 336 -3.47 -29.93 4.54
C ILE B 336 -3.11 -28.45 4.68
N VAL B 337 -1.91 -28.09 4.20
CA VAL B 337 -1.38 -26.71 4.38
C VAL B 337 -2.19 -25.59 3.72
N PHE B 338 -2.87 -25.86 2.61
CA PHE B 338 -3.67 -24.79 1.99
C PHE B 338 -5.06 -24.61 2.64
N ASP B 339 -5.67 -25.70 3.17
CA ASP B 339 -6.82 -25.57 4.04
C ASP B 339 -6.49 -24.71 5.28
N GLU B 340 -5.35 -24.99 5.87
CA GLU B 340 -4.84 -24.27 7.02
C GLU B 340 -4.65 -22.78 6.68
N ALA B 341 -4.06 -22.51 5.53
CA ALA B 341 -3.87 -21.12 5.09
C ALA B 341 -5.18 -20.36 4.87
N GLU B 342 -6.15 -20.97 4.20
CA GLU B 342 -7.46 -20.36 4.09
C GLU B 342 -8.08 -20.01 5.45
N ASN B 343 -7.91 -20.89 6.42
CA ASN B 343 -8.47 -20.69 7.72
C ASN B 343 -7.82 -19.56 8.52
N ARG B 344 -6.68 -19.03 8.03
CA ARG B 344 -6.17 -17.79 8.59
C ARG B 344 -7.22 -16.72 8.51
N MET B 345 -7.88 -16.63 7.38
CA MET B 345 -8.80 -15.53 7.12
C MET B 345 -10.07 -15.66 7.98
N HIS B 346 -10.63 -16.85 8.07
CA HIS B 346 -11.85 -17.03 8.87
C HIS B 346 -11.66 -16.75 10.36
N THR B 347 -10.51 -17.15 10.90
CA THR B 347 -10.19 -16.92 12.31
C THR B 347 -9.86 -15.48 12.62
N ILE B 348 -9.09 -14.82 11.75
CA ILE B 348 -8.85 -13.35 11.92
C ILE B 348 -10.15 -12.61 11.86
N LYS B 349 -11.02 -13.01 10.95
CA LYS B 349 -12.37 -12.41 10.94
C LYS B 349 -13.06 -12.56 12.30
N ALA B 350 -12.99 -13.77 12.89
CA ALA B 350 -13.67 -13.98 14.13
C ALA B 350 -13.11 -13.06 15.22
N VAL B 351 -11.80 -12.95 15.27
CA VAL B 351 -11.15 -12.03 16.22
C VAL B 351 -11.64 -10.58 16.09
N MET B 352 -11.69 -10.09 14.87
CA MET B 352 -12.20 -8.74 14.63
C MET B 352 -13.68 -8.56 14.96
N VAL B 353 -14.49 -9.54 14.55
CA VAL B 353 -15.93 -9.45 14.80
C VAL B 353 -16.17 -9.53 16.30
N ALA B 354 -15.44 -10.41 16.98
CA ALA B 354 -15.76 -10.55 18.42
C ALA B 354 -15.41 -9.28 19.19
N THR B 355 -14.22 -8.69 18.82
CA THR B 355 -13.72 -7.60 19.63
C THR B 355 -14.31 -6.27 19.23
N LEU B 356 -14.72 -6.13 17.98
CA LEU B 356 -15.05 -4.80 17.43
C LEU B 356 -16.40 -4.81 16.76
N GLY B 357 -16.95 -6.01 16.59
CA GLY B 357 -18.22 -6.16 15.87
C GLY B 357 -19.34 -5.52 16.59
N SER B 358 -20.29 -5.03 15.82
CA SER B 358 -21.38 -4.19 16.35
C SER B 358 -22.61 -4.50 15.55
N MET C 25 -21.31 -15.83 -25.89
CA MET C 25 -20.04 -15.02 -25.91
C MET C 25 -19.58 -14.58 -24.50
N ALA C 26 -20.44 -13.81 -23.83
CA ALA C 26 -20.26 -13.52 -22.41
C ALA C 26 -20.11 -14.81 -21.59
N PHE C 27 -20.94 -15.81 -21.89
CA PHE C 27 -20.84 -17.08 -21.18
C PHE C 27 -19.46 -17.72 -21.33
N ASN C 28 -18.94 -17.71 -22.56
CA ASN C 28 -17.62 -18.29 -22.83
C ASN C 28 -16.41 -17.58 -22.22
N LEU C 29 -16.55 -16.30 -21.87
CA LEU C 29 -15.47 -15.58 -21.20
C LEU C 29 -15.48 -15.73 -19.67
N ARG C 30 -16.56 -16.23 -19.11
CA ARG C 30 -16.71 -16.35 -17.67
C ARG C 30 -15.68 -17.35 -17.12
N ASN C 31 -14.99 -16.93 -16.06
CA ASN C 31 -13.96 -17.70 -15.44
C ASN C 31 -12.68 -17.98 -16.20
N ARG C 32 -12.46 -17.29 -17.30
CA ARG C 32 -11.20 -17.39 -18.03
C ARG C 32 -10.13 -16.55 -17.38
N ASN C 33 -8.89 -17.00 -17.51
CA ASN C 33 -7.75 -16.11 -17.25
C ASN C 33 -7.59 -15.15 -18.48
N PHE C 34 -6.86 -14.06 -18.32
CA PHE C 34 -6.46 -13.15 -19.47
C PHE C 34 -4.95 -13.00 -19.49
N LEU C 35 -4.28 -13.98 -20.07
CA LEU C 35 -2.83 -14.09 -19.94
C LEU C 35 -2.10 -13.59 -21.17
N LYS C 36 -2.71 -13.72 -22.34
CA LYS C 36 -2.13 -13.23 -23.59
C LYS C 36 -3.18 -13.27 -24.66
N LEU C 37 -3.00 -12.45 -25.67
CA LEU C 37 -4.01 -12.36 -26.75
C LEU C 37 -4.07 -13.63 -27.62
N LEU C 38 -2.96 -14.35 -27.71
CA LEU C 38 -2.97 -15.62 -28.45
C LEU C 38 -3.97 -16.65 -27.88
N ASP C 39 -4.51 -16.43 -26.68
CA ASP C 39 -5.44 -17.40 -26.14
C ASP C 39 -6.90 -17.06 -26.52
N PHE C 40 -7.14 -15.98 -27.28
CA PHE C 40 -8.49 -15.50 -27.55
C PHE C 40 -8.81 -15.41 -29.02
N SER C 41 -10.08 -15.60 -29.37
CA SER C 41 -10.51 -15.42 -30.78
C SER C 41 -10.67 -13.94 -31.17
N THR C 42 -10.73 -13.71 -32.49
CA THR C 42 -11.00 -12.39 -33.01
C THR C 42 -12.29 -11.78 -32.43
N LYS C 43 -13.34 -12.60 -32.41
CA LYS C 43 -14.62 -12.17 -31.87
C LYS C 43 -14.58 -11.94 -30.37
N GLU C 44 -13.78 -12.71 -29.66
CA GLU C 44 -13.69 -12.47 -28.19
C GLU C 44 -13.04 -11.15 -27.95
N ILE C 45 -11.99 -10.88 -28.70
CA ILE C 45 -11.28 -9.60 -28.54
C ILE C 45 -12.19 -8.43 -28.87
N GLN C 46 -12.95 -8.55 -29.96
CA GLN C 46 -13.90 -7.50 -30.36
C GLN C 46 -14.94 -7.29 -29.27
N PHE C 47 -15.47 -8.39 -28.73
CA PHE C 47 -16.43 -8.29 -27.62
C PHE C 47 -15.88 -7.53 -26.40
N LEU C 48 -14.63 -7.84 -26.03
CA LEU C 48 -13.98 -7.13 -24.96
C LEU C 48 -13.86 -5.60 -25.25
N ILE C 49 -13.54 -5.27 -26.49
CA ILE C 49 -13.42 -3.87 -26.87
C ILE C 49 -14.79 -3.20 -26.82
N ASP C 50 -15.81 -3.89 -27.31
CA ASP C 50 -17.18 -3.33 -27.30
C ASP C 50 -17.68 -3.16 -25.87
N LEU C 51 -17.42 -4.14 -25.01
CA LEU C 51 -17.81 -4.00 -23.61
C LEU C 51 -17.14 -2.80 -22.97
N SER C 52 -15.83 -2.63 -23.25
CA SER C 52 -15.06 -1.44 -22.76
C SER C 52 -15.74 -0.14 -23.10
N ALA C 53 -16.19 -0.03 -24.37
CA ALA C 53 -16.89 1.19 -24.87
C ALA C 53 -18.22 1.40 -24.14
N ASP C 54 -18.99 0.32 -23.90
CA ASP C 54 -20.21 0.41 -23.09
C ASP C 54 -19.93 0.82 -21.65
N LEU C 55 -18.93 0.22 -21.01
CA LEU C 55 -18.63 0.62 -19.64
C LEU C 55 -18.15 2.05 -19.55
N LYS C 56 -17.41 2.52 -20.53
CA LYS C 56 -16.92 3.90 -20.54
C LYS C 56 -18.09 4.86 -20.63
N LYS C 57 -19.01 4.58 -21.52
CA LYS C 57 -20.22 5.39 -21.65
C LYS C 57 -21.07 5.43 -20.40
N ALA C 58 -21.27 4.26 -19.78
CA ALA C 58 -22.08 4.20 -18.55
C ALA C 58 -21.43 5.01 -17.41
N LYS C 59 -20.12 4.88 -17.25
CA LYS C 59 -19.42 5.69 -16.26
C LYS C 59 -19.62 7.19 -16.57
N TYR C 60 -19.42 7.63 -17.80
CA TYR C 60 -19.61 9.07 -18.07
C TYR C 60 -21.07 9.50 -17.96
N ALA C 61 -22.03 8.59 -18.19
CA ALA C 61 -23.43 8.98 -18.06
C ALA C 61 -23.93 8.81 -16.60
N GLY C 62 -23.13 8.22 -15.74
CA GLY C 62 -23.54 7.97 -14.36
C GLY C 62 -24.53 6.83 -14.21
N THR C 63 -24.54 5.89 -15.12
CA THR C 63 -25.51 4.79 -15.09
C THR C 63 -24.85 3.41 -14.93
N GLU C 64 -23.62 3.39 -14.46
CA GLU C 64 -22.79 2.20 -14.37
C GLU C 64 -23.34 1.16 -13.40
N GLN C 65 -23.49 -0.08 -13.81
CA GLN C 65 -23.99 -1.10 -12.86
C GLN C 65 -22.83 -1.91 -12.29
N LYS C 66 -22.83 -2.08 -10.97
CA LYS C 66 -21.72 -2.78 -10.31
C LYS C 66 -21.85 -4.28 -10.45
N LYS C 67 -21.00 -4.91 -11.24
CA LYS C 67 -21.04 -6.33 -11.40
C LYS C 67 -20.01 -7.09 -10.59
N LEU C 68 -19.17 -6.44 -9.80
CA LEU C 68 -18.16 -7.11 -8.97
C LEU C 68 -18.38 -6.87 -7.47
N LEU C 69 -19.61 -6.55 -7.11
CA LEU C 69 -19.92 -6.19 -5.76
C LEU C 69 -19.54 -7.35 -4.84
N GLY C 70 -18.88 -7.04 -3.73
CA GLY C 70 -18.50 -8.07 -2.74
C GLY C 70 -17.26 -8.85 -3.20
N LYS C 71 -16.72 -8.61 -4.40
CA LYS C 71 -15.56 -9.40 -4.85
C LYS C 71 -14.25 -8.75 -4.33
N ASN C 72 -13.26 -9.59 -4.04
CA ASN C 72 -11.98 -9.13 -3.50
C ASN C 72 -10.91 -9.56 -4.51
N ILE C 73 -10.06 -8.63 -4.89
CA ILE C 73 -9.05 -8.87 -5.89
C ILE C 73 -7.66 -8.56 -5.37
N ALA C 74 -6.66 -9.41 -5.73
CA ALA C 74 -5.25 -9.16 -5.34
C ALA C 74 -4.47 -8.67 -6.54
N LEU C 75 -3.63 -7.66 -6.33
CA LEU C 75 -2.83 -7.05 -7.42
C LEU C 75 -1.35 -7.25 -7.08
N ILE C 76 -0.69 -8.22 -7.74
CA ILE C 76 0.68 -8.52 -7.47
C ILE C 76 1.52 -7.78 -8.50
N PHE C 77 2.43 -6.95 -8.01
CA PHE C 77 3.35 -6.16 -8.86
C PHE C 77 4.75 -6.51 -8.46
N GLU C 78 5.47 -7.20 -9.36
CA GLU C 78 6.87 -7.41 -9.16
C GLU C 78 7.72 -6.36 -9.91
N LYS C 79 7.11 -5.53 -10.75
CA LYS C 79 7.74 -4.36 -11.36
C LYS C 79 6.92 -3.14 -10.98
N ALA C 80 7.50 -1.99 -11.20
CA ALA C 80 6.87 -0.72 -10.94
C ALA C 80 5.70 -0.54 -11.91
N SER C 81 4.76 0.26 -11.44
CA SER C 81 3.66 0.68 -12.25
C SER C 81 2.97 1.94 -11.68
N THR C 82 2.55 2.84 -12.58
CA THR C 82 1.61 3.89 -12.22
C THR C 82 0.25 3.59 -12.90
N ARG C 83 0.24 3.58 -14.25
CA ARG C 83 -0.99 3.46 -15.05
C ARG C 83 -1.75 2.14 -14.74
N THR C 84 -1.05 1.03 -14.87
CA THR C 84 -1.67 -0.27 -14.86
C THR C 84 -2.29 -0.56 -13.50
N ARG C 85 -1.51 -0.31 -12.49
CA ARG C 85 -1.96 -0.41 -11.11
C ARG C 85 -3.17 0.45 -10.81
N CYS C 86 -3.08 1.74 -11.17
CA CYS C 86 -4.24 2.62 -11.01
C CYS C 86 -5.49 2.20 -11.78
N ALA C 87 -5.30 1.65 -13.01
CA ALA C 87 -6.40 1.27 -13.83
C ALA C 87 -7.13 0.09 -13.17
N PHE C 88 -6.38 -0.84 -12.61
CA PHE C 88 -6.98 -1.98 -11.90
C PHE C 88 -7.72 -1.50 -10.68
N GLU C 89 -7.12 -0.61 -9.91
CA GLU C 89 -7.77 -0.15 -8.71
C GLU C 89 -9.07 0.58 -9.02
N VAL C 90 -8.99 1.56 -9.90
CA VAL C 90 -10.16 2.35 -10.20
C VAL C 90 -11.28 1.50 -10.83
N ALA C 91 -10.95 0.58 -11.74
CA ALA C 91 -11.93 -0.24 -12.37
C ALA C 91 -12.65 -1.16 -11.35
N ALA C 92 -11.92 -1.67 -10.38
CA ALA C 92 -12.47 -2.47 -9.30
C ALA C 92 -13.40 -1.65 -8.41
N PHE C 93 -12.91 -0.52 -7.98
CA PHE C 93 -13.67 0.36 -7.12
C PHE C 93 -15.00 0.75 -7.79
N ASP C 94 -14.96 1.20 -9.04
CA ASP C 94 -16.18 1.60 -9.75
C ASP C 94 -17.18 0.39 -9.82
N GLN C 95 -16.67 -0.81 -9.92
CA GLN C 95 -17.49 -2.02 -10.05
C GLN C 95 -17.91 -2.66 -8.74
N GLY C 96 -17.52 -2.03 -7.62
CA GLY C 96 -17.97 -2.46 -6.30
C GLY C 96 -17.02 -3.43 -5.60
N ALA C 97 -15.85 -3.71 -6.20
CA ALA C 97 -14.88 -4.65 -5.61
C ALA C 97 -13.91 -3.97 -4.67
N GLN C 98 -13.16 -4.77 -3.92
CA GLN C 98 -12.07 -4.20 -3.11
C GLN C 98 -10.78 -4.83 -3.58
N VAL C 99 -9.64 -4.16 -3.33
CA VAL C 99 -8.34 -4.60 -3.79
C VAL C 99 -7.28 -4.58 -2.71
N THR C 100 -6.35 -5.49 -2.84
CA THR C 100 -5.13 -5.56 -2.05
C THR C 100 -3.95 -5.44 -2.99
N TYR C 101 -3.18 -4.37 -2.85
CA TYR C 101 -1.98 -4.12 -3.66
C TYR C 101 -0.76 -4.71 -2.95
N ILE C 102 -0.09 -5.63 -3.61
CA ILE C 102 1.11 -6.27 -3.10
C ILE C 102 2.28 -5.91 -4.04
N GLY C 103 3.06 -4.93 -3.62
CA GLY C 103 4.11 -4.34 -4.43
C GLY C 103 5.39 -5.18 -4.41
N PRO C 104 6.47 -4.65 -5.01
CA PRO C 104 7.71 -5.41 -5.15
C PRO C 104 8.42 -5.72 -3.83
N SER C 105 8.14 -4.99 -2.76
CA SER C 105 8.69 -5.39 -1.46
C SER C 105 7.58 -5.52 -0.41
N GLY C 106 7.87 -6.13 0.73
CA GLY C 106 6.87 -6.31 1.80
C GLY C 106 6.03 -7.60 1.78
N SER C 107 6.10 -8.40 0.71
CA SER C 107 5.46 -9.73 0.66
C SER C 107 6.51 -10.86 0.81
N GLN C 108 6.05 -12.11 0.91
CA GLN C 108 6.93 -13.25 0.89
C GLN C 108 7.31 -13.73 -0.54
N ILE C 109 6.71 -13.17 -1.58
CA ILE C 109 6.79 -13.74 -2.94
C ILE C 109 8.22 -13.79 -3.46
N GLY C 110 8.60 -14.94 -4.05
CA GLY C 110 9.91 -15.12 -4.71
C GLY C 110 11.15 -15.52 -3.87
N ASP C 111 11.42 -14.74 -2.83
CA ASP C 111 12.52 -15.07 -1.98
C ASP C 111 12.18 -16.12 -0.92
N LYS C 112 10.98 -16.06 -0.36
CA LYS C 112 10.58 -16.95 0.71
C LYS C 112 9.41 -17.88 0.41
N GLU C 113 8.70 -17.66 -0.70
CA GLU C 113 7.53 -18.50 -1.06
C GLU C 113 7.43 -18.65 -2.58
N SER C 114 7.25 -19.88 -3.04
CA SER C 114 7.16 -20.17 -4.51
C SER C 114 5.89 -19.57 -5.08
N MET C 115 5.88 -19.35 -6.39
CA MET C 115 4.67 -18.92 -7.08
C MET C 115 3.53 -19.97 -6.97
N LYS C 116 3.85 -21.23 -7.01
CA LYS C 116 2.84 -22.25 -6.96
C LYS C 116 2.12 -22.14 -5.62
N ASP C 117 2.90 -21.88 -4.57
CA ASP C 117 2.35 -21.85 -3.23
C ASP C 117 1.55 -20.54 -3.06
N THR C 118 2.10 -19.44 -3.58
CA THR C 118 1.46 -18.14 -3.51
C THR C 118 0.11 -18.15 -4.23
N ALA C 119 0.09 -18.73 -5.40
CA ALA C 119 -1.15 -18.93 -6.18
C ALA C 119 -2.24 -19.69 -5.43
N ARG C 120 -1.88 -20.80 -4.80
CA ARG C 120 -2.90 -21.61 -4.09
C ARG C 120 -3.38 -20.87 -2.84
N VAL C 121 -2.51 -20.09 -2.20
CA VAL C 121 -2.95 -19.35 -0.99
C VAL C 121 -3.88 -18.22 -1.39
N LEU C 122 -3.42 -17.39 -2.33
CA LEU C 122 -4.25 -16.27 -2.78
C LEU C 122 -5.58 -16.70 -3.38
N GLY C 123 -5.59 -17.83 -4.08
CA GLY C 123 -6.82 -18.33 -4.69
C GLY C 123 -7.85 -18.83 -3.69
N ARG C 124 -7.41 -19.13 -2.49
CA ARG C 124 -8.32 -19.41 -1.42
C ARG C 124 -8.93 -18.16 -0.80
N MET C 125 -8.28 -17.01 -0.89
CA MET C 125 -8.81 -15.81 -0.24
C MET C 125 -9.42 -14.80 -1.17
N TYR C 126 -8.91 -14.69 -2.39
CA TYR C 126 -9.39 -13.72 -3.36
C TYR C 126 -10.24 -14.33 -4.47
N ASP C 127 -11.03 -13.50 -5.15
CA ASP C 127 -11.88 -13.96 -6.27
C ASP C 127 -11.19 -13.83 -7.62
N GLY C 128 -10.17 -12.96 -7.69
CA GLY C 128 -9.40 -12.73 -8.90
C GLY C 128 -8.05 -12.12 -8.57
N ILE C 129 -7.06 -12.35 -9.44
CA ILE C 129 -5.68 -11.97 -9.19
C ILE C 129 -5.07 -11.33 -10.44
N GLN C 130 -4.47 -10.17 -10.30
CA GLN C 130 -3.63 -9.60 -11.34
C GLN C 130 -2.18 -9.84 -11.04
N TYR C 131 -1.37 -10.04 -12.08
CA TYR C 131 0.05 -10.13 -11.96
C TYR C 131 0.78 -9.31 -13.04
N ARG C 132 1.76 -8.54 -12.60
CA ARG C 132 2.73 -7.88 -13.43
C ARG C 132 4.12 -8.33 -12.97
N GLY C 133 4.94 -8.80 -13.90
CA GLY C 133 6.28 -9.20 -13.51
C GLY C 133 7.15 -9.62 -14.69
N PHE C 134 7.78 -10.76 -14.52
CA PHE C 134 8.89 -11.21 -15.40
C PHE C 134 8.47 -12.22 -16.46
N GLY C 135 8.97 -13.44 -16.43
CA GLY C 135 8.66 -14.41 -17.51
C GLY C 135 7.15 -14.73 -17.60
N GLN C 136 6.65 -14.81 -18.83
CA GLN C 136 5.31 -15.28 -19.11
C GLN C 136 5.07 -16.61 -18.38
N ALA C 137 6.09 -17.43 -18.27
CA ALA C 137 5.95 -18.73 -17.59
C ALA C 137 5.46 -18.57 -16.17
N ILE C 138 5.81 -17.46 -15.55
CA ILE C 138 5.41 -17.24 -14.16
C ILE C 138 3.92 -16.94 -14.10
N VAL C 139 3.42 -16.12 -15.01
CA VAL C 139 1.99 -15.82 -15.00
C VAL C 139 1.17 -17.02 -15.43
N GLU C 140 1.74 -17.89 -16.30
CA GLU C 140 1.06 -19.10 -16.70
C GLU C 140 0.96 -20.07 -15.53
N GLU C 141 1.99 -20.13 -14.70
CA GLU C 141 1.94 -20.96 -13.49
C GLU C 141 0.87 -20.45 -12.50
N LEU C 142 0.87 -19.16 -12.29
CA LEU C 142 -0.15 -18.57 -11.46
C LEU C 142 -1.54 -18.88 -12.00
N GLY C 143 -1.73 -18.70 -13.31
CA GLY C 143 -3.00 -19.00 -13.97
C GLY C 143 -3.42 -20.48 -13.83
N ALA C 144 -2.45 -21.41 -13.80
CA ALA C 144 -2.74 -22.77 -13.69
C ALA C 144 -3.09 -23.20 -12.27
N PHE C 145 -2.52 -22.56 -11.24
CA PHE C 145 -2.62 -23.07 -9.88
C PHE C 145 -3.54 -22.25 -9.01
N ALA C 146 -3.89 -21.02 -9.40
CA ALA C 146 -4.71 -20.20 -8.49
C ALA C 146 -6.11 -20.71 -8.26
N GLY C 147 -6.76 -21.16 -9.32
CA GLY C 147 -8.15 -21.64 -9.26
C GLY C 147 -9.17 -20.49 -9.34
N VAL C 148 -8.72 -19.28 -9.69
CA VAL C 148 -9.62 -18.13 -9.93
C VAL C 148 -9.05 -17.36 -11.15
N PRO C 149 -9.83 -16.47 -11.77
CA PRO C 149 -9.29 -15.74 -12.90
C PRO C 149 -8.01 -14.95 -12.60
N VAL C 150 -7.01 -15.15 -13.45
CA VAL C 150 -5.73 -14.42 -13.40
C VAL C 150 -5.56 -13.57 -14.63
N TRP C 151 -5.11 -12.34 -14.43
CA TRP C 151 -4.97 -11.39 -15.51
C TRP C 151 -3.51 -10.85 -15.56
N ASN C 152 -2.94 -10.89 -16.76
CA ASN C 152 -1.58 -10.43 -17.02
C ASN C 152 -1.50 -8.93 -17.27
N GLY C 153 -0.90 -8.27 -16.31
CA GLY C 153 -0.77 -6.83 -16.28
C GLY C 153 0.56 -6.28 -16.79
N LEU C 154 1.35 -7.20 -17.35
CA LEU C 154 2.58 -7.05 -18.11
C LEU C 154 3.56 -8.14 -17.72
N THR C 155 4.10 -8.86 -18.73
CA THR C 155 5.26 -9.76 -18.58
C THR C 155 6.39 -9.33 -19.54
N ASP C 156 7.55 -9.94 -19.43
CA ASP C 156 8.62 -9.63 -20.39
C ASP C 156 8.16 -9.85 -21.86
N GLU C 157 7.26 -10.81 -22.09
CA GLU C 157 6.90 -11.24 -23.43
C GLU C 157 5.65 -10.57 -23.97
N PHE C 158 4.67 -10.29 -23.13
CA PHE C 158 3.39 -9.79 -23.62
C PHE C 158 2.76 -8.72 -22.70
N HIS C 159 1.91 -7.86 -23.26
CA HIS C 159 1.22 -6.84 -22.52
C HIS C 159 -0.18 -6.67 -23.09
N PRO C 160 -1.08 -7.64 -22.78
CA PRO C 160 -2.34 -7.74 -23.49
C PRO C 160 -3.36 -6.68 -23.13
N THR C 161 -3.39 -6.18 -21.87
CA THR C 161 -4.35 -5.10 -21.51
C THR C 161 -4.04 -3.78 -22.24
N GLN C 162 -2.77 -3.53 -22.52
CA GLN C 162 -2.36 -2.32 -23.19
C GLN C 162 -2.94 -2.24 -24.58
N ILE C 163 -2.84 -3.35 -25.30
CA ILE C 163 -3.29 -3.42 -26.63
C ILE C 163 -4.81 -3.33 -26.72
N LEU C 164 -5.56 -3.94 -25.82
CA LEU C 164 -6.97 -3.63 -25.86
C LEU C 164 -7.21 -2.10 -25.77
N ALA C 165 -6.54 -1.44 -24.84
CA ALA C 165 -6.74 0.02 -24.68
C ALA C 165 -6.35 0.77 -25.97
N ASP C 166 -5.29 0.31 -26.61
CA ASP C 166 -4.82 0.92 -27.86
C ASP C 166 -5.82 0.76 -28.99
N PHE C 167 -6.44 -0.43 -29.10
CA PHE C 167 -7.39 -0.68 -30.15
C PHE C 167 -8.69 0.08 -29.89
N LEU C 168 -9.13 0.19 -28.64
CA LEU C 168 -10.28 1.07 -28.33
C LEU C 168 -9.99 2.52 -28.73
N THR C 169 -8.81 2.99 -28.42
CA THR C 169 -8.40 4.35 -28.75
C THR C 169 -8.38 4.59 -30.26
N MET C 170 -7.79 3.65 -31.02
CA MET C 170 -7.79 3.75 -32.48
C MET C 170 -9.20 3.85 -33.06
N LEU C 171 -10.10 2.98 -32.61
CA LEU C 171 -11.47 3.05 -33.04
C LEU C 171 -12.10 4.40 -32.74
N GLU C 172 -11.88 4.93 -31.54
CA GLU C 172 -12.52 6.16 -31.18
C GLU C 172 -11.97 7.28 -32.01
N HIS C 173 -10.71 7.17 -32.44
CA HIS C 173 -10.08 8.30 -33.15
C HIS C 173 -10.09 8.08 -34.65
N SER C 174 -10.93 7.17 -35.13
CA SER C 174 -11.09 6.91 -36.55
C SER C 174 -12.54 7.17 -36.83
N GLN C 175 -12.89 7.52 -38.03
CA GLN C 175 -14.29 7.83 -38.21
C GLN C 175 -14.95 6.70 -38.95
N GLY C 176 -15.61 5.81 -38.23
CA GLY C 176 -16.36 4.74 -38.88
C GLY C 176 -15.49 3.72 -39.61
N LYS C 177 -14.23 3.60 -39.25
CA LYS C 177 -13.40 2.50 -39.72
C LYS C 177 -13.45 1.41 -38.68
N ALA C 178 -13.43 0.18 -39.13
CA ALA C 178 -13.23 -0.94 -38.22
C ALA C 178 -11.76 -1.17 -38.11
N LEU C 179 -11.40 -2.01 -37.15
CA LEU C 179 -10.01 -2.28 -36.94
C LEU C 179 -9.38 -2.79 -38.21
N ALA C 180 -10.09 -3.65 -38.94
CA ALA C 180 -9.53 -4.24 -40.14
C ALA C 180 -9.16 -3.21 -41.22
N ASP C 181 -9.68 -1.99 -41.12
CA ASP C 181 -9.36 -0.96 -42.09
C ASP C 181 -8.18 -0.08 -41.71
N ILE C 182 -7.59 -0.30 -40.54
CA ILE C 182 -6.57 0.58 -40.00
C ILE C 182 -5.16 0.11 -40.33
N GLN C 183 -4.31 1.08 -40.62
CA GLN C 183 -2.88 0.88 -40.87
C GLN C 183 -2.08 1.65 -39.85
N PHE C 184 -1.09 0.97 -39.28
CA PHE C 184 -0.23 1.60 -38.30
C PHE C 184 1.18 1.06 -38.27
N ALA C 185 2.06 1.85 -37.68
CA ALA C 185 3.45 1.46 -37.56
C ALA C 185 3.92 1.65 -36.15
N TYR C 186 4.73 0.68 -35.73
CA TYR C 186 5.36 0.71 -34.45
C TYR C 186 6.85 0.83 -34.74
N LEU C 187 7.47 1.79 -34.07
CA LEU C 187 8.88 2.12 -34.28
C LEU C 187 9.73 1.85 -33.04
N GLY C 188 10.88 1.24 -33.28
CA GLY C 188 11.90 1.06 -32.30
C GLY C 188 12.21 -0.38 -31.92
N ASP C 189 11.97 -0.70 -30.64
CA ASP C 189 12.30 -2.01 -30.11
C ASP C 189 11.07 -2.86 -30.37
N ALA C 190 11.08 -3.51 -31.53
CA ALA C 190 9.91 -4.26 -31.93
C ALA C 190 9.73 -5.60 -31.19
N ARG C 191 10.70 -6.03 -30.42
CA ARG C 191 10.59 -7.34 -29.76
C ARG C 191 10.31 -7.22 -28.30
N ASN C 192 9.95 -6.01 -27.82
CA ASN C 192 9.59 -5.92 -26.45
C ASN C 192 8.10 -6.39 -26.27
N ASN C 193 7.61 -6.35 -25.03
CA ASN C 193 6.28 -6.91 -24.75
C ASN C 193 5.22 -6.20 -25.59
N VAL C 194 5.33 -4.91 -25.71
CA VAL C 194 4.31 -4.14 -26.44
C VAL C 194 4.30 -4.39 -27.96
N GLY C 195 5.48 -4.43 -28.56
CA GLY C 195 5.58 -4.84 -29.96
C GLY C 195 5.04 -6.20 -30.26
N ASN C 196 5.44 -7.17 -29.46
CA ASN C 196 4.92 -8.51 -29.60
C ASN C 196 3.40 -8.54 -29.61
N SER C 197 2.83 -7.84 -28.65
CA SER C 197 1.38 -7.85 -28.42
C SER C 197 0.62 -7.09 -29.50
N LEU C 198 1.21 -5.98 -30.00
CA LEU C 198 0.65 -5.24 -31.12
C LEU C 198 0.62 -6.11 -32.35
N MET C 199 1.66 -6.90 -32.57
CA MET C 199 1.71 -7.73 -33.75
C MET C 199 0.63 -8.82 -33.67
N VAL C 200 0.57 -9.49 -32.52
CA VAL C 200 -0.48 -10.49 -32.30
C VAL C 200 -1.87 -9.87 -32.46
N GLY C 201 -2.12 -8.71 -31.83
CA GLY C 201 -3.43 -8.10 -31.92
C GLY C 201 -3.81 -7.74 -33.32
N ALA C 202 -2.84 -7.17 -34.04
CA ALA C 202 -3.09 -6.74 -35.40
C ALA C 202 -3.47 -7.92 -36.26
N ALA C 203 -2.73 -9.01 -36.13
CA ALA C 203 -3.03 -10.21 -36.88
C ALA C 203 -4.42 -10.76 -36.53
N LYS C 204 -4.78 -10.76 -35.24
CA LYS C 204 -6.10 -11.24 -34.84
C LYS C 204 -7.21 -10.41 -35.45
N MET C 205 -7.02 -9.08 -35.52
CA MET C 205 -8.10 -8.20 -35.89
C MET C 205 -8.05 -7.81 -37.35
N GLY C 206 -7.15 -8.40 -38.13
CA GLY C 206 -7.11 -8.13 -39.58
C GLY C 206 -6.46 -6.80 -39.99
N MET C 207 -5.62 -6.24 -39.12
CA MET C 207 -5.05 -4.91 -39.36
C MET C 207 -3.78 -5.00 -40.20
N ASP C 208 -3.32 -3.86 -40.67
CA ASP C 208 -2.05 -3.73 -41.41
C ASP C 208 -1.01 -3.07 -40.52
N ILE C 209 -0.07 -3.87 -40.02
CA ILE C 209 0.93 -3.36 -39.06
C ILE C 209 2.31 -3.40 -39.73
N ARG C 210 3.06 -2.32 -39.54
CA ARG C 210 4.47 -2.31 -39.87
C ARG C 210 5.31 -2.17 -38.63
N LEU C 211 6.23 -3.09 -38.46
CA LEU C 211 7.23 -3.03 -37.38
C LEU C 211 8.52 -2.49 -38.00
N VAL C 212 8.90 -1.29 -37.53
CA VAL C 212 9.94 -0.48 -38.16
C VAL C 212 11.05 -0.20 -37.17
N GLY C 213 12.17 -0.85 -37.36
CA GLY C 213 13.27 -0.77 -36.42
C GLY C 213 14.41 -1.65 -36.88
N PRO C 214 15.50 -1.67 -36.08
CA PRO C 214 16.68 -2.41 -36.52
C PRO C 214 16.38 -3.85 -36.45
N GLN C 215 16.94 -4.56 -37.42
CA GLN C 215 16.66 -5.94 -37.58
C GLN C 215 16.98 -6.83 -36.38
N ALA C 216 18.03 -6.48 -35.65
CA ALA C 216 18.38 -7.23 -34.46
C ALA C 216 17.26 -7.18 -33.40
N TYR C 217 16.35 -6.20 -33.46
CA TYR C 217 15.29 -6.09 -32.49
C TYR C 217 13.92 -6.41 -33.04
N TRP C 218 13.89 -7.04 -34.21
CA TRP C 218 12.65 -7.57 -34.72
C TRP C 218 12.14 -8.73 -33.83
N PRO C 219 10.86 -8.97 -33.87
CA PRO C 219 10.35 -10.04 -33.00
C PRO C 219 10.82 -11.42 -33.39
N ASP C 220 10.75 -12.36 -32.46
CA ASP C 220 11.16 -13.74 -32.73
C ASP C 220 10.50 -14.32 -33.96
N GLU C 221 11.25 -15.12 -34.73
CA GLU C 221 10.79 -15.63 -36.00
C GLU C 221 9.61 -16.56 -35.79
N GLU C 222 9.62 -17.32 -34.70
CA GLU C 222 8.53 -18.24 -34.42
C GLU C 222 7.25 -17.46 -34.13
N LEU C 223 7.35 -16.33 -33.43
CA LEU C 223 6.18 -15.53 -33.14
C LEU C 223 5.64 -14.89 -34.45
N VAL C 224 6.53 -14.32 -35.23
CA VAL C 224 6.13 -13.73 -36.50
C VAL C 224 5.41 -14.76 -37.37
N ALA C 225 5.97 -15.94 -37.46
CA ALA C 225 5.37 -16.98 -38.28
C ALA C 225 3.94 -17.29 -37.78
N ALA C 226 3.74 -17.35 -36.48
CA ALA C 226 2.41 -17.72 -35.98
C ALA C 226 1.43 -16.59 -36.30
N CYS C 227 1.93 -15.36 -36.24
CA CYS C 227 1.07 -14.20 -36.50
C CYS C 227 0.73 -14.12 -37.97
N GLN C 228 1.68 -14.53 -38.84
CA GLN C 228 1.41 -14.54 -40.30
C GLN C 228 0.34 -15.55 -40.63
N ALA C 229 0.37 -16.70 -39.98
CA ALA C 229 -0.68 -17.71 -40.21
C ALA C 229 -2.03 -17.19 -39.76
N ILE C 230 -2.06 -16.55 -38.59
CA ILE C 230 -3.30 -15.92 -38.12
C ILE C 230 -3.78 -14.86 -39.15
N ALA C 231 -2.87 -14.01 -39.62
CA ALA C 231 -3.22 -12.90 -40.48
C ALA C 231 -3.74 -13.31 -41.86
N LYS C 232 -3.24 -14.44 -42.38
CA LYS C 232 -3.72 -14.97 -43.63
C LYS C 232 -5.21 -15.23 -43.50
N GLN C 233 -5.68 -15.71 -42.36
CA GLN C 233 -7.10 -16.00 -42.22
C GLN C 233 -7.95 -14.73 -41.93
N THR C 234 -7.35 -13.65 -41.45
CA THR C 234 -8.14 -12.46 -41.13
C THR C 234 -8.02 -11.35 -42.15
N GLY C 235 -7.15 -11.49 -43.12
CA GLY C 235 -6.85 -10.43 -44.06
C GLY C 235 -5.88 -9.39 -43.52
N GLY C 236 -5.20 -9.68 -42.43
CA GLY C 236 -4.20 -8.76 -41.88
C GLY C 236 -2.93 -8.76 -42.69
N LYS C 237 -2.07 -7.81 -42.44
CA LYS C 237 -0.76 -7.75 -43.09
C LYS C 237 0.26 -7.40 -42.05
N ILE C 238 1.41 -8.03 -42.10
CA ILE C 238 2.51 -7.78 -41.21
C ILE C 238 3.74 -7.48 -42.03
N THR C 239 4.33 -6.33 -41.86
CA THR C 239 5.57 -6.02 -42.54
C THR C 239 6.66 -5.71 -41.50
N LEU C 240 7.84 -6.29 -41.67
CA LEU C 240 8.99 -5.90 -40.88
C LEU C 240 9.94 -5.13 -41.78
N THR C 241 10.43 -3.98 -41.36
CA THR C 241 11.40 -3.25 -42.16
C THR C 241 12.32 -2.35 -41.36
N GLU C 242 13.49 -2.09 -41.90
CA GLU C 242 14.41 -1.10 -41.34
C GLU C 242 14.26 0.25 -42.03
N ASN C 243 13.42 0.35 -43.04
CA ASN C 243 13.25 1.57 -43.72
C ASN C 243 12.02 2.37 -43.23
N VAL C 244 12.26 3.53 -42.64
CA VAL C 244 11.21 4.35 -42.06
C VAL C 244 10.23 4.84 -43.11
N ALA C 245 10.74 5.40 -44.20
CA ALA C 245 9.87 6.02 -45.16
C ALA C 245 8.93 4.97 -45.70
N GLU C 246 9.45 3.80 -46.02
CA GLU C 246 8.58 2.73 -46.51
C GLU C 246 7.63 2.22 -45.43
N GLY C 247 8.09 2.14 -44.19
CA GLY C 247 7.26 1.60 -43.13
C GLY C 247 6.09 2.48 -42.71
N VAL C 248 6.26 3.80 -42.74
CA VAL C 248 5.23 4.71 -42.21
C VAL C 248 4.29 5.31 -43.23
N GLN C 249 4.56 5.10 -44.52
CA GLN C 249 3.77 5.75 -45.57
C GLN C 249 2.31 5.31 -45.46
N GLY C 250 1.41 6.28 -45.39
CA GLY C 250 -0.01 6.04 -45.35
C GLY C 250 -0.54 5.57 -44.00
N CYS C 251 0.27 5.59 -42.94
CA CYS C 251 -0.23 5.21 -41.63
C CYS C 251 -1.25 6.19 -40.98
N ASP C 252 -2.30 5.61 -40.36
CA ASP C 252 -3.28 6.32 -39.55
C ASP C 252 -2.70 6.68 -38.15
N PHE C 253 -1.89 5.77 -37.61
CA PHE C 253 -1.25 5.90 -36.31
C PHE C 253 0.20 5.54 -36.38
N LEU C 254 0.99 6.27 -35.63
CA LEU C 254 2.37 5.93 -35.32
C LEU C 254 2.52 5.68 -33.82
N TYR C 255 3.19 4.61 -33.44
CA TYR C 255 3.30 4.17 -32.08
C TYR C 255 4.76 3.93 -31.75
N THR C 256 5.18 4.32 -30.57
CA THR C 256 6.49 3.94 -30.09
C THR C 256 6.45 3.64 -28.62
N ASP C 257 7.60 3.25 -28.10
CA ASP C 257 7.76 2.91 -26.67
C ASP C 257 9.24 3.14 -26.30
N VAL C 258 9.57 3.13 -25.01
CA VAL C 258 10.98 3.27 -24.59
C VAL C 258 11.86 2.17 -25.22
N TRP C 259 13.10 2.51 -25.47
CA TRP C 259 13.97 1.62 -26.18
C TRP C 259 14.55 0.54 -25.28
N VAL C 260 14.53 0.76 -23.98
CA VAL C 260 14.99 -0.19 -22.99
C VAL C 260 13.85 -0.39 -21.96
N SER C 261 13.37 -1.62 -21.81
CA SER C 261 12.22 -1.88 -20.93
C SER C 261 12.57 -2.19 -19.46
N MET C 262 11.56 -2.21 -18.56
CA MET C 262 11.82 -2.58 -17.16
C MET C 262 12.40 -3.96 -17.11
N GLY C 263 13.32 -4.16 -16.20
CA GLY C 263 13.94 -5.46 -16.05
C GLY C 263 15.16 -5.66 -16.94
N GLU C 264 15.38 -4.86 -17.98
CA GLU C 264 16.54 -5.05 -18.85
C GLU C 264 17.68 -4.25 -18.25
N SER C 265 18.87 -4.54 -18.72
CA SER C 265 20.05 -3.89 -18.17
C SER C 265 20.08 -2.39 -18.39
N PRO C 266 20.51 -1.59 -17.40
CA PRO C 266 20.88 -0.18 -17.72
C PRO C 266 22.06 -0.01 -18.75
N GLU C 267 22.95 -1.00 -18.85
CA GLU C 267 23.97 -1.04 -19.89
C GLU C 267 23.34 -1.03 -21.27
N ALA C 268 22.09 -1.49 -21.42
CA ALA C 268 21.53 -1.65 -22.75
C ALA C 268 21.38 -0.34 -23.48
N TRP C 269 21.29 0.79 -22.79
CA TRP C 269 21.29 2.07 -23.45
C TRP C 269 22.55 2.23 -24.36
N ASP C 270 23.70 1.80 -23.87
CA ASP C 270 24.96 1.88 -24.64
C ASP C 270 24.89 1.08 -25.94
N GLU C 271 24.31 -0.11 -25.87
CA GLU C 271 24.16 -0.97 -27.05
C GLU C 271 23.13 -0.42 -28.03
N ARG C 272 22.10 0.30 -27.55
CA ARG C 272 20.90 0.49 -28.35
C ARG C 272 20.69 1.88 -28.91
N VAL C 273 21.15 2.91 -28.23
CA VAL C 273 20.78 4.24 -28.64
C VAL C 273 21.20 4.50 -30.11
N ALA C 274 22.43 4.16 -30.47
CA ALA C 274 22.92 4.46 -31.81
C ALA C 274 22.09 3.72 -32.85
N LEU C 275 21.70 2.49 -32.53
CA LEU C 275 20.84 1.71 -33.44
C LEU C 275 19.40 2.22 -33.52
N MET C 276 18.88 2.73 -32.40
CA MET C 276 17.46 3.11 -32.32
C MET C 276 17.22 4.54 -32.77
N LYS C 277 18.22 5.41 -32.60
CA LYS C 277 18.12 6.82 -32.96
C LYS C 277 17.41 7.12 -34.32
N PRO C 278 17.75 6.39 -35.41
CA PRO C 278 17.09 6.71 -36.66
C PRO C 278 15.59 6.45 -36.65
N TYR C 279 15.09 5.73 -35.63
CA TYR C 279 13.66 5.42 -35.47
C TYR C 279 12.93 6.26 -34.44
N GLN C 280 13.56 7.35 -34.03
CA GLN C 280 12.90 8.30 -33.18
C GLN C 280 11.68 8.88 -33.90
N VAL C 281 10.58 9.08 -33.18
CA VAL C 281 9.41 9.67 -33.77
C VAL C 281 9.54 11.13 -33.56
N ASN C 282 9.87 11.86 -34.64
CA ASN C 282 9.88 13.29 -34.66
C ASN C 282 8.96 13.79 -35.75
N MET C 283 8.96 15.10 -36.00
CA MET C 283 8.03 15.68 -36.97
C MET C 283 8.30 15.22 -38.39
N ASN C 284 9.56 14.98 -38.71
CA ASN C 284 9.88 14.43 -40.01
C ASN C 284 9.18 13.12 -40.25
N VAL C 285 9.23 12.25 -39.25
CA VAL C 285 8.57 10.96 -39.38
C VAL C 285 7.06 11.12 -39.61
N LEU C 286 6.43 12.03 -38.90
CA LEU C 286 5.01 12.23 -39.09
C LEU C 286 4.74 12.70 -40.53
N LYS C 287 5.60 13.60 -41.03
CA LYS C 287 5.49 14.10 -42.38
C LYS C 287 5.68 12.99 -43.40
N GLN C 288 6.61 12.07 -43.15
CA GLN C 288 6.76 10.93 -44.07
C GLN C 288 5.51 10.02 -44.18
N THR C 289 4.53 10.12 -43.28
CA THR C 289 3.28 9.38 -43.46
C THR C 289 2.45 9.93 -44.64
N GLY C 290 2.69 11.17 -45.04
CA GLY C 290 1.85 11.83 -46.06
C GLY C 290 0.43 12.08 -45.55
N ASN C 291 0.17 11.85 -44.25
CA ASN C 291 -1.16 11.90 -43.71
C ASN C 291 -1.31 13.06 -42.72
N PRO C 292 -1.92 14.16 -43.15
CA PRO C 292 -2.11 15.25 -42.19
C PRO C 292 -2.88 14.88 -40.93
N ASN C 293 -3.73 13.86 -40.95
CA ASN C 293 -4.50 13.43 -39.76
C ASN C 293 -3.87 12.31 -38.97
N VAL C 294 -2.59 12.03 -39.22
CA VAL C 294 -1.90 10.98 -38.51
C VAL C 294 -1.94 11.24 -36.99
N LYS C 295 -2.11 10.18 -36.22
CA LYS C 295 -2.10 10.33 -34.79
C LYS C 295 -0.91 9.62 -34.17
N PHE C 296 -0.39 10.20 -33.09
CA PHE C 296 0.74 9.60 -32.37
C PHE C 296 0.32 8.91 -31.05
N MET C 297 0.80 7.70 -30.85
CA MET C 297 0.49 6.90 -29.67
C MET C 297 1.77 6.42 -29.00
N HIS C 298 1.64 6.12 -27.72
CA HIS C 298 2.76 5.67 -26.93
C HIS C 298 2.15 5.05 -25.70
N CYS C 299 2.60 3.86 -25.32
CA CYS C 299 2.00 3.19 -24.13
C CYS C 299 2.30 3.91 -22.84
N LEU C 300 3.42 4.66 -22.80
CA LEU C 300 3.86 5.43 -21.62
C LEU C 300 4.41 4.43 -20.62
N PRO C 301 5.28 4.87 -19.72
CA PRO C 301 5.81 6.18 -19.58
C PRO C 301 6.77 6.48 -20.71
N ALA C 302 6.95 7.75 -21.02
CA ALA C 302 7.80 8.16 -22.16
C ALA C 302 8.93 9.08 -21.77
N PHE C 303 10.04 8.98 -22.51
CA PHE C 303 11.21 9.90 -22.37
C PHE C 303 11.25 10.91 -23.49
N HIS C 304 10.57 12.02 -23.26
CA HIS C 304 10.41 13.03 -24.29
C HIS C 304 11.09 14.37 -23.98
N ASN C 305 11.76 14.46 -22.82
CA ASN C 305 12.53 15.64 -22.42
C ASN C 305 13.41 15.29 -21.21
N ASP C 306 13.82 16.31 -20.47
CA ASP C 306 14.74 16.11 -19.34
C ASP C 306 14.05 16.18 -18.01
N GLU C 307 12.75 15.94 -17.94
CA GLU C 307 12.04 16.06 -16.66
C GLU C 307 11.88 14.74 -15.91
N THR C 308 12.65 13.72 -16.30
CA THR C 308 12.79 12.49 -15.49
C THR C 308 14.29 12.29 -15.23
N THR C 309 14.61 11.58 -14.17
CA THR C 309 16.00 11.37 -13.81
C THR C 309 16.63 10.44 -14.85
N ILE C 310 15.96 9.33 -15.21
CA ILE C 310 16.56 8.44 -16.21
C ILE C 310 16.67 9.08 -17.60
N GLY C 311 15.57 9.69 -18.03
CA GLY C 311 15.48 10.26 -19.36
C GLY C 311 16.57 11.32 -19.54
N LYS C 312 16.79 12.11 -18.49
CA LYS C 312 17.76 13.22 -18.56
C LYS C 312 19.19 12.73 -18.60
N GLN C 313 19.49 11.76 -17.75
CA GLN C 313 20.83 11.19 -17.76
C GLN C 313 21.13 10.58 -19.12
N VAL C 314 20.22 9.75 -19.65
CA VAL C 314 20.48 9.09 -20.93
C VAL C 314 20.66 10.11 -22.04
N ALA C 315 19.78 11.08 -22.09
CA ALA C 315 19.75 12.01 -23.23
C ALA C 315 20.98 12.90 -23.18
N ASP C 316 21.35 13.31 -21.98
CA ASP C 316 22.56 14.12 -21.77
C ASP C 316 23.78 13.39 -22.26
N LYS C 317 23.89 12.12 -21.91
CA LYS C 317 25.00 11.30 -22.35
C LYS C 317 25.17 11.21 -23.88
N PHE C 318 24.07 11.26 -24.63
CA PHE C 318 24.15 11.08 -26.10
C PHE C 318 23.90 12.36 -26.85
N GLY C 319 23.87 13.47 -26.14
CA GLY C 319 23.54 14.73 -26.76
C GLY C 319 22.20 14.73 -27.46
N MET C 320 21.15 14.24 -26.78
CA MET C 320 19.78 14.31 -27.30
C MET C 320 18.85 15.10 -26.40
N LYS C 321 17.69 15.50 -26.93
CA LYS C 321 16.71 16.24 -26.13
C LYS C 321 15.57 15.33 -25.66
N GLY C 322 14.98 14.55 -26.57
CA GLY C 322 14.10 13.44 -26.17
C GLY C 322 14.67 12.20 -26.83
N LEU C 323 14.15 11.05 -26.43
CA LEU C 323 14.68 9.79 -26.92
C LEU C 323 13.79 9.24 -28.03
N GLU C 324 12.85 8.37 -27.68
CA GLU C 324 12.04 7.69 -28.65
C GLU C 324 11.04 8.57 -29.33
N VAL C 325 10.79 9.71 -28.72
CA VAL C 325 9.88 10.72 -29.27
C VAL C 325 10.29 12.09 -28.79
N THR C 326 10.11 13.09 -29.66
CA THR C 326 10.45 14.46 -29.31
C THR C 326 9.32 15.17 -28.55
N GLU C 327 9.70 16.20 -27.80
CA GLU C 327 8.72 16.98 -27.05
C GLU C 327 7.69 17.55 -28.03
N GLU C 328 8.18 17.99 -29.16
CA GLU C 328 7.33 18.55 -30.15
C GLU C 328 6.19 17.57 -30.58
N VAL C 329 6.50 16.34 -30.94
CA VAL C 329 5.48 15.42 -31.32
C VAL C 329 4.56 15.01 -30.11
N PHE C 330 5.19 14.73 -28.97
CA PHE C 330 4.48 14.26 -27.77
C PHE C 330 3.41 15.27 -27.30
N GLU C 331 3.70 16.57 -27.36
CA GLU C 331 2.74 17.58 -26.92
C GLU C 331 1.90 18.17 -28.08
N SER C 332 2.06 17.67 -29.33
CA SER C 332 1.36 18.24 -30.47
C SER C 332 -0.08 17.86 -30.51
N GLU C 333 -0.82 18.51 -31.40
CA GLU C 333 -2.23 18.15 -31.64
C GLU C 333 -2.32 16.72 -32.14
N HIS C 334 -1.27 16.20 -32.69
CA HIS C 334 -1.31 14.82 -33.19
C HIS C 334 -1.33 13.70 -32.09
N SER C 335 -0.86 14.05 -30.90
CA SER C 335 -0.67 13.08 -29.83
C SER C 335 -1.96 12.76 -29.13
N ILE C 336 -2.26 11.49 -28.95
CA ILE C 336 -3.49 11.07 -28.25
C ILE C 336 -3.12 10.17 -27.08
N VAL C 337 -1.88 10.32 -26.61
CA VAL C 337 -1.40 9.50 -25.51
C VAL C 337 -2.22 9.50 -24.19
N PHE C 338 -2.84 10.64 -23.82
CA PHE C 338 -3.62 10.65 -22.61
C PHE C 338 -5.02 10.07 -22.72
N ASP C 339 -5.61 10.14 -23.92
CA ASP C 339 -6.81 9.35 -24.26
C ASP C 339 -6.52 7.89 -24.18
N GLU C 340 -5.39 7.48 -24.73
CA GLU C 340 -4.96 6.07 -24.69
C GLU C 340 -4.77 5.60 -23.24
N ALA C 341 -4.15 6.46 -22.45
CA ALA C 341 -3.93 6.15 -21.02
C ALA C 341 -5.26 5.98 -20.24
N GLU C 342 -6.22 6.88 -20.45
CA GLU C 342 -7.53 6.74 -19.80
C GLU C 342 -8.21 5.41 -20.19
N ASN C 343 -8.05 5.03 -21.43
CA ASN C 343 -8.66 3.75 -21.91
C ASN C 343 -8.05 2.47 -21.34
N ARG C 344 -6.91 2.58 -20.65
CA ARG C 344 -6.38 1.47 -19.86
C ARG C 344 -7.38 1.00 -18.83
N MET C 345 -8.02 1.94 -18.18
CA MET C 345 -8.95 1.68 -17.14
C MET C 345 -10.25 1.02 -17.66
N HIS C 346 -10.81 1.58 -18.72
CA HIS C 346 -12.07 1.07 -19.24
C HIS C 346 -11.91 -0.36 -19.79
N THR C 347 -10.74 -0.64 -20.41
CA THR C 347 -10.48 -1.98 -20.92
C THR C 347 -10.18 -3.02 -19.86
N ILE C 348 -9.42 -2.65 -18.84
CA ILE C 348 -9.18 -3.55 -17.70
C ILE C 348 -10.49 -3.84 -17.02
N LYS C 349 -11.34 -2.83 -16.91
CA LYS C 349 -12.71 -3.05 -16.35
C LYS C 349 -13.47 -4.11 -17.14
N ALA C 350 -13.41 -4.02 -18.46
CA ALA C 350 -14.09 -4.99 -19.29
C ALA C 350 -13.54 -6.40 -19.06
N VAL C 351 -12.20 -6.52 -19.01
CA VAL C 351 -11.63 -7.84 -18.75
C VAL C 351 -12.17 -8.43 -17.42
N MET C 352 -12.15 -7.61 -16.34
CA MET C 352 -12.61 -8.09 -15.06
C MET C 352 -14.14 -8.42 -15.01
N VAL C 353 -14.92 -7.56 -15.62
CA VAL C 353 -16.32 -7.77 -15.69
C VAL C 353 -16.63 -9.03 -16.53
N ALA C 354 -15.93 -9.21 -17.63
CA ALA C 354 -16.23 -10.38 -18.47
C ALA C 354 -15.87 -11.68 -17.77
N THR C 355 -14.74 -11.69 -17.04
CA THR C 355 -14.24 -12.96 -16.50
C THR C 355 -14.76 -13.29 -15.12
N LEU C 356 -15.20 -12.29 -14.39
CA LEU C 356 -15.55 -12.45 -13.01
C LEU C 356 -16.92 -11.83 -12.70
N GLY C 357 -17.44 -10.99 -13.61
CA GLY C 357 -18.67 -10.26 -13.34
C GLY C 357 -19.86 -11.21 -13.20
N SER C 358 -20.80 -10.83 -12.37
CA SER C 358 -22.11 -11.46 -12.36
C SER C 358 -23.13 -10.48 -11.75
P PO4 D . 3.34 12.79 9.32
O1 PO4 D . 3.01 13.92 10.38
O2 PO4 D . 2.25 12.89 8.27
O3 PO4 D . 4.68 13.16 8.73
O4 PO4 D . 3.39 11.51 9.99
C CIR E . 9.16 17.92 8.14
O CIR E . 9.06 18.49 7.00
OXT CIR E . 9.88 16.87 8.27
CA CIR E . 8.46 18.50 9.37
N CIR E . 8.68 19.93 9.39
C3 CIR E . 6.93 18.22 9.40
C4 CIR E . 6.70 16.70 9.27
C5 CIR E . 5.25 16.15 9.10
N6 CIR E . 4.33 16.42 10.18
C7 CIR E . 2.96 16.37 10.11
O7 CIR E . 2.36 16.23 9.04
N8 CIR E . 2.33 16.43 11.25
CL CL F . 0.56 27.18 3.62
C1 PEG G . 4.09 25.53 34.23
O1 PEG G . 4.15 25.21 35.63
C2 PEG G . 3.07 26.62 33.96
O2 PEG G . 3.73 27.90 34.06
C3 PEG G . 2.98 29.03 33.62
C4 PEG G . 2.46 29.94 34.72
O4 PEG G . 3.38 30.68 35.46
C1 PEG H . 3.41 35.87 -2.09
O1 PEG H . 2.36 35.53 -3.04
C2 PEG H . 4.84 35.55 -2.54
O2 PEG H . 5.43 34.55 -1.70
C3 PEG H . 6.87 34.60 -1.59
C4 PEG H . 7.44 33.26 -1.09
O4 PEG H . 6.73 32.14 -1.64
C1 PEG I . 21.81 28.56 7.71
O1 PEG I . 23.10 29.08 7.39
C2 PEG I . 21.00 28.54 6.43
O2 PEG I . 19.69 28.08 6.75
C3 PEG I . 19.19 26.98 5.98
C4 PEG I . 20.06 25.72 6.11
O4 PEG I . 20.12 24.99 4.86
P PO4 J . 2.92 -14.61 6.27
O1 PO4 J . 4.32 -14.36 6.83
O2 PO4 J . 1.93 -13.62 6.85
O3 PO4 J . 2.74 -14.62 4.89
O4 PO4 J . 2.58 -15.94 6.92
C CIR K . 8.72 -16.41 11.33
O CIR K . 8.57 -15.74 12.38
OXT CIR K . 9.34 -16.10 10.30
CA CIR K . 7.95 -17.72 11.23
N CIR K . 8.07 -18.41 12.48
C3 CIR K . 6.51 -17.39 10.91
C4 CIR K . 6.34 -16.84 9.49
C5 CIR K . 4.89 -16.37 9.37
N6 CIR K . 3.88 -17.32 8.96
C7 CIR K . 2.53 -17.08 9.05
O7 CIR K . 1.94 -16.11 9.53
N8 CIR K . 1.80 -17.99 8.49
CL CL L . 0.01 -16.88 21.61
C1 PEG M . 1.81 -42.70 5.79
O1 PEG M . 2.74 -42.87 4.69
C2 PEG M . 2.40 -43.35 7.05
O2 PEG M . 1.38 -43.93 7.86
C3 PEG M . 1.85 -44.95 8.76
C4 PEG M . 2.17 -46.27 8.04
O4 PEG M . 1.36 -47.35 8.56
C2 PEG N . 0.64 7.17 30.96
O2 PEG N . 0.90 8.53 30.58
C3 PEG N . 1.82 8.71 29.48
C4 PEG N . 3.17 7.98 29.59
O4 PEG N . 4.31 8.83 29.90
P PO4 O . 2.83 1.69 -16.12
O1 PO4 O . 2.86 2.83 -15.21
O2 PO4 O . 2.53 2.07 -17.50
O3 PO4 O . 4.13 0.95 -16.20
O4 PO4 O . 1.68 0.74 -15.62
C CIR P . 8.34 -1.96 -20.30
O CIR P . 8.29 -3.22 -20.27
OXT CIR P . 9.10 -1.33 -19.52
CA CIR P . 7.54 -1.18 -21.30
N CIR P . 7.67 -1.74 -22.62
C3 CIR P . 6.06 -1.14 -20.91
C4 CIR P . 5.90 -0.37 -19.61
C5 CIR P . 4.49 -0.34 -19.10
N6 CIR P . 3.63 0.63 -19.73
C7 CIR P . 2.31 0.52 -19.63
O7 CIR P . 1.80 -0.45 -19.00
N8 CIR P . 1.64 1.53 -20.17
CL CL Q . -0.65 -10.37 -25.87
C1 PEG R . 1.93 17.09 -39.60
O1 PEG R . 2.59 18.33 -39.31
C2 PEG R . 2.91 16.13 -40.25
O2 PEG R . 2.23 15.20 -41.10
C3 PEG R . 1.74 15.82 -42.28
C4 PEG R . 1.93 14.94 -43.48
O4 PEG R . 1.87 15.71 -44.68
C1 PEG S . 2.08 -3.44 -47.72
O1 PEG S . 0.74 -2.97 -47.68
C2 PEG S . 2.96 -2.61 -46.77
O2 PEG S . 4.16 -2.18 -47.44
C3 PEG S . 5.27 -2.00 -46.56
#